data_2RKZ
#
_entry.id   2RKZ
#
_cell.length_a   59.590
_cell.length_b   109.720
_cell.length_c   71.470
_cell.angle_alpha   90.000
_cell.angle_beta   96.940
_cell.angle_gamma   90.000
#
_symmetry.space_group_name_H-M   'P 1 21 1'
#
loop_
_entity.id
_entity.type
_entity.pdbx_description
1 polymer Fibronectin
2 polymer 'peptide from Fibronectin-binding protein A'
3 non-polymer 'SUCCINIC ACID'
4 water water
#
loop_
_entity_poly.entity_id
_entity_poly.type
_entity_poly.pdbx_seq_one_letter_code
_entity_poly.pdbx_strand_id
1 'polypeptide(L)'
;AEETCFDKYTGNTYRVGDTYERPKDSMIWDCTCIGAGRGRISCTIANRCHEGGQSYKIGDTWRRPHETGGYMLECVCLGN
GKGEWTCKPI
;
A,B,C,D,E,F
2 'polypeptide(L)' (ACE)ETLTGQYDKNLVTTVEEEYDS(NH2) M,N,O,P,Q,R
#
loop_
_chem_comp.id
_chem_comp.type
_chem_comp.name
_chem_comp.formula
ACE non-polymer 'ACETYL GROUP' 'C2 H4 O'
NH2 non-polymer 'AMINO GROUP' 'H2 N'
SIN non-polymer 'SUCCINIC ACID' 'C4 H6 O4'
#
# COMPACT_ATOMS: atom_id res chain seq x y z
N GLU A 2 18.73 -15.77 35.70
CA GLU A 2 18.83 -14.68 36.73
C GLU A 2 19.86 -13.58 36.35
N GLU A 3 20.91 -13.95 35.62
CA GLU A 3 21.59 -13.03 34.68
C GLU A 3 20.72 -12.62 33.48
N THR A 4 20.59 -11.31 33.24
CA THR A 4 19.72 -10.84 32.17
C THR A 4 20.43 -9.89 31.23
N CYS A 5 19.79 -9.67 30.09
CA CYS A 5 20.11 -8.57 29.19
C CYS A 5 18.93 -7.64 28.99
N PHE A 6 19.22 -6.37 28.74
CA PHE A 6 18.20 -5.46 28.30
C PHE A 6 18.50 -4.90 26.90
N ASP A 7 17.51 -5.02 26.03
CA ASP A 7 17.57 -4.53 24.66
C ASP A 7 16.67 -3.33 24.46
N LYS A 8 17.31 -2.16 24.35
CA LYS A 8 16.62 -0.88 24.25
C LYS A 8 15.84 -0.68 22.95
N TYR A 9 16.15 -1.47 21.92
CA TYR A 9 15.40 -1.39 20.67
C TYR A 9 14.09 -2.16 20.72
N THR A 10 14.08 -3.30 21.39
CA THR A 10 12.85 -4.02 21.59
C THR A 10 12.21 -3.61 22.91
N GLY A 11 12.99 -2.91 23.75
CA GLY A 11 12.56 -2.51 25.11
C GLY A 11 12.41 -3.67 26.12
N ASN A 12 12.80 -4.88 25.72
CA ASN A 12 12.61 -6.07 26.55
C ASN A 12 13.87 -6.49 27.30
N THR A 13 13.62 -7.26 28.36
CA THR A 13 14.64 -7.79 29.24
C THR A 13 14.73 -9.28 28.91
N TYR A 14 15.95 -9.85 28.83
CA TYR A 14 16.02 -11.25 28.44
C TYR A 14 16.81 -12.06 29.44
N ARG A 15 16.66 -13.37 29.36
CA ARG A 15 17.50 -14.30 30.11
C ARG A 15 18.71 -14.73 29.25
N VAL A 16 19.84 -15.05 29.89
CA VAL A 16 20.99 -15.65 29.17
C VAL A 16 20.51 -16.82 28.33
N GLY A 17 20.90 -16.87 27.07
CA GLY A 17 20.39 -17.96 26.21
C GLY A 17 19.19 -17.61 25.33
N ASP A 18 18.36 -16.66 25.75
CA ASP A 18 17.25 -16.19 24.92
C ASP A 18 17.74 -15.66 23.56
N THR A 19 17.01 -16.03 22.53
CA THR A 19 17.23 -15.47 21.21
C THR A 19 15.96 -14.76 20.71
N TYR A 20 16.14 -13.71 19.91
CA TYR A 20 15.00 -12.89 19.54
C TYR A 20 15.38 -11.99 18.38
N GLU A 21 14.38 -11.47 17.68
CA GLU A 21 14.62 -10.50 16.60
C GLU A 21 14.59 -9.03 17.06
N ARG A 22 15.51 -8.26 16.51
CA ARG A 22 15.65 -6.88 16.85
C ARG A 22 15.50 -6.09 15.58
N PRO A 23 14.51 -5.19 15.52
CA PRO A 23 14.40 -4.39 14.34
C PRO A 23 15.32 -3.21 14.51
N LYS A 24 16.27 -3.06 13.59
CA LYS A 24 17.20 -1.94 13.69
C LYS A 24 17.82 -1.69 12.34
N ASP A 25 17.98 -0.41 12.04
CA ASP A 25 18.52 0.09 10.76
C ASP A 25 17.76 -0.52 9.55
N SER A 26 16.44 -0.55 9.63
CA SER A 26 15.62 -1.05 8.55
C SER A 26 15.94 -2.50 8.17
N MET A 27 16.47 -3.25 9.15
CA MET A 27 16.71 -4.69 9.06
C MET A 27 16.17 -5.42 10.28
N ILE A 28 15.99 -6.74 10.15
CA ILE A 28 15.81 -7.57 11.34
C ILE A 28 17.14 -8.25 11.70
N TRP A 29 17.49 -8.18 12.97
CA TRP A 29 18.68 -8.84 13.47
C TRP A 29 18.25 -10.01 14.29
N ASP A 30 19.08 -11.03 14.23
CA ASP A 30 19.04 -12.15 15.17
C ASP A 30 19.93 -11.92 16.36
N CYS A 31 19.31 -11.83 17.54
CA CYS A 31 20.03 -11.44 18.71
C CYS A 31 20.04 -12.61 19.69
N THR A 32 21.10 -12.68 20.47
CA THR A 32 21.25 -13.65 21.52
C THR A 32 21.66 -12.93 22.79
N CYS A 33 20.92 -13.17 23.89
CA CYS A 33 21.39 -12.69 25.17
C CYS A 33 22.52 -13.58 25.69
N ILE A 34 23.73 -13.01 25.79
CA ILE A 34 24.97 -13.70 26.15
C ILE A 34 25.13 -13.59 27.65
N GLY A 35 25.02 -12.36 28.15
CA GLY A 35 25.27 -12.02 29.55
C GLY A 35 26.75 -11.73 29.77
N ALA A 36 27.51 -12.75 30.18
CA ALA A 36 28.98 -12.60 30.32
C ALA A 36 29.41 -11.53 31.33
N GLY A 37 28.59 -11.37 32.36
CA GLY A 37 28.86 -10.45 33.46
C GLY A 37 28.62 -8.99 33.10
N ARG A 38 27.98 -8.74 31.96
CA ARG A 38 27.85 -7.39 31.42
C ARG A 38 26.59 -7.20 30.58
N GLY A 39 25.59 -8.06 30.78
CA GLY A 39 24.37 -8.00 30.01
C GLY A 39 24.65 -8.01 28.51
N ARG A 40 25.74 -8.66 28.09
CA ARG A 40 26.12 -8.67 26.66
C ARG A 40 25.05 -9.25 25.73
N ILE A 41 24.78 -8.51 24.68
CA ILE A 41 23.95 -8.99 23.60
C ILE A 41 24.82 -9.14 22.36
N SER A 42 24.64 -10.25 21.65
CA SER A 42 25.21 -10.42 20.32
C SER A 42 24.06 -10.44 19.31
N CYS A 43 24.18 -9.65 18.25
CA CYS A 43 23.17 -9.60 17.19
C CYS A 43 23.82 -9.70 15.84
N THR A 44 23.15 -10.34 14.89
CA THR A 44 23.76 -10.58 13.59
C THR A 44 22.72 -10.49 12.48
N ILE A 45 23.09 -9.87 11.35
CA ILE A 45 22.34 -10.04 10.09
C ILE A 45 23.03 -11.03 9.11
N ALA A 46 24.11 -11.68 9.56
CA ALA A 46 24.86 -12.65 8.72
C ALA A 46 24.07 -13.90 8.28
N ASN A 47 22.95 -14.18 8.91
CA ASN A 47 22.15 -15.28 8.39
C ASN A 47 20.91 -14.84 7.64
N ARG A 48 20.95 -13.60 7.14
CA ARG A 48 19.77 -13.08 6.50
C ARG A 48 20.20 -12.37 5.23
N CYS A 49 19.20 -12.05 4.40
CA CYS A 49 19.39 -11.12 3.33
C CYS A 49 18.39 -10.04 3.52
N HIS A 50 18.65 -8.87 2.98
CA HIS A 50 17.71 -7.77 3.09
C HIS A 50 17.61 -7.11 1.73
N GLU A 51 16.44 -7.21 1.13
CA GLU A 51 16.27 -6.74 -0.25
C GLU A 51 14.84 -6.28 -0.48
N GLY A 52 14.67 -5.11 -1.08
CA GLY A 52 13.34 -4.67 -1.48
C GLY A 52 12.44 -4.36 -0.30
N GLY A 53 13.03 -3.85 0.77
CA GLY A 53 12.26 -3.65 1.99
C GLY A 53 11.86 -4.88 2.81
N GLN A 54 12.44 -6.04 2.48
CA GLN A 54 12.11 -7.31 3.18
C GLN A 54 13.35 -8.00 3.76
N SER A 55 13.19 -8.64 4.91
CA SER A 55 14.26 -9.45 5.50
C SER A 55 13.98 -10.94 5.25
N TYR A 56 14.93 -11.64 4.65
CA TYR A 56 14.83 -13.03 4.34
C TYR A 56 15.83 -13.83 5.17
N LYS A 57 15.51 -15.06 5.52
CA LYS A 57 16.51 -15.96 6.09
C LYS A 57 17.27 -16.74 5.00
N ILE A 58 18.53 -17.11 5.26
CA ILE A 58 19.24 -18.05 4.38
C ILE A 58 18.35 -19.28 4.07
N GLY A 59 18.18 -19.61 2.79
CA GLY A 59 17.36 -20.75 2.37
C GLY A 59 16.03 -20.29 1.81
N ASP A 60 15.64 -19.06 2.11
CA ASP A 60 14.35 -18.57 1.65
C ASP A 60 14.39 -18.49 0.15
N THR A 61 13.26 -18.77 -0.50
CA THR A 61 13.19 -18.61 -1.93
C THR A 61 11.91 -17.88 -2.22
N TRP A 62 11.88 -17.16 -3.36
CA TRP A 62 10.70 -16.43 -3.76
C TRP A 62 10.76 -16.23 -5.26
N ARG A 63 9.64 -15.88 -5.87
CA ARG A 63 9.61 -15.75 -7.30
C ARG A 63 8.99 -14.43 -7.61
N ARG A 64 9.48 -13.79 -8.66
CA ARG A 64 8.92 -12.51 -9.06
C ARG A 64 9.32 -12.23 -10.50
N PRO A 65 8.50 -11.44 -11.23
CA PRO A 65 8.88 -11.15 -12.58
C PRO A 65 10.07 -10.20 -12.58
N HIS A 66 10.92 -10.32 -13.60
CA HIS A 66 11.94 -9.34 -13.87
C HIS A 66 11.27 -8.02 -14.12
N GLU A 67 11.79 -6.95 -13.53
CA GLU A 67 11.02 -5.69 -13.53
C GLU A 67 10.93 -5.05 -14.93
N THR A 68 11.87 -5.36 -15.81
CA THR A 68 11.86 -4.81 -17.18
C THR A 68 11.39 -5.86 -18.18
N GLY A 69 11.94 -7.08 -18.05
CA GLY A 69 11.81 -8.14 -19.09
C GLY A 69 10.45 -8.80 -18.96
N GLY A 70 9.93 -8.84 -17.75
CA GLY A 70 8.58 -9.39 -17.52
C GLY A 70 8.59 -10.93 -17.36
N TYR A 71 9.76 -11.55 -17.46
CA TYR A 71 9.84 -13.00 -17.34
C TYR A 71 10.09 -13.39 -15.90
N MET A 72 9.77 -14.63 -15.56
CA MET A 72 9.75 -15.00 -14.14
C MET A 72 11.18 -15.23 -13.61
N LEU A 73 11.46 -14.74 -12.38
CA LEU A 73 12.69 -15.03 -11.66
C LEU A 73 12.44 -15.92 -10.46
N GLU A 74 13.39 -16.79 -10.15
CA GLU A 74 13.45 -17.43 -8.85
C GLU A 74 14.62 -16.89 -8.06
N CYS A 75 14.32 -16.40 -6.86
CA CYS A 75 15.29 -15.70 -6.03
C CYS A 75 15.57 -16.58 -4.83
N VAL A 76 16.78 -16.48 -4.31
CA VAL A 76 17.20 -17.31 -3.21
CA VAL A 76 17.25 -17.31 -3.22
C VAL A 76 18.11 -16.45 -2.34
N CYS A 77 17.90 -16.52 -1.05
CA CYS A 77 18.80 -15.96 -0.08
C CYS A 77 19.91 -16.97 0.27
N LEU A 78 21.10 -16.76 -0.30
CA LEU A 78 22.23 -17.63 -0.02
C LEU A 78 22.97 -17.17 1.22
N GLY A 79 23.02 -15.86 1.42
CA GLY A 79 23.61 -15.40 2.66
C GLY A 79 25.12 -15.30 2.51
N ASN A 80 25.81 -16.38 2.89
CA ASN A 80 27.28 -16.45 2.81
C ASN A 80 27.97 -15.34 3.59
N GLY A 81 27.37 -14.95 4.71
CA GLY A 81 27.98 -13.99 5.59
C GLY A 81 27.90 -12.59 5.02
N LYS A 82 27.18 -12.40 3.92
CA LYS A 82 27.18 -11.05 3.28
C LYS A 82 25.83 -10.66 2.65
N GLY A 83 24.75 -11.34 3.04
CA GLY A 83 23.41 -11.02 2.55
C GLY A 83 23.26 -11.34 1.09
N GLU A 84 23.98 -12.38 0.65
CA GLU A 84 24.05 -12.72 -0.78
C GLU A 84 22.74 -13.37 -1.26
N TRP A 85 22.09 -12.72 -2.23
CA TRP A 85 20.91 -13.27 -2.92
C TRP A 85 21.17 -13.31 -4.44
N THR A 86 20.52 -14.25 -5.10
CA THR A 86 20.49 -14.33 -6.55
C THR A 86 19.07 -14.44 -7.04
N CYS A 87 18.77 -13.91 -8.22
CA CYS A 87 17.51 -14.18 -8.85
C CYS A 87 17.76 -14.67 -10.27
N LYS A 88 17.28 -15.88 -10.57
CA LYS A 88 17.61 -16.58 -11.77
C LYS A 88 16.35 -16.74 -12.62
N PRO A 89 16.41 -16.41 -13.92
CA PRO A 89 15.26 -16.67 -14.76
C PRO A 89 14.92 -18.17 -14.74
N ILE A 90 13.63 -18.47 -14.61
CA ILE A 90 13.19 -19.88 -14.58
C ILE A 90 12.15 -20.21 -15.65
N GLU B 2 28.24 -23.31 -22.78
CA GLU B 2 27.59 -22.18 -23.49
C GLU B 2 26.21 -22.55 -24.09
N GLU B 3 25.14 -22.06 -23.45
CA GLU B 3 23.81 -21.99 -24.02
C GLU B 3 23.64 -20.84 -24.99
N THR B 4 22.88 -21.08 -26.06
CA THR B 4 22.54 -20.03 -27.01
C THR B 4 21.06 -19.97 -27.35
N CYS B 5 20.68 -18.85 -27.96
CA CYS B 5 19.39 -18.68 -28.60
C CYS B 5 19.60 -18.22 -30.02
N PHE B 6 18.73 -18.71 -30.90
CA PHE B 6 18.60 -18.27 -32.27
C PHE B 6 17.25 -17.57 -32.53
N ASP B 7 17.32 -16.35 -33.05
CA ASP B 7 16.17 -15.54 -33.38
C ASP B 7 15.91 -15.51 -34.89
N LYS B 8 14.85 -16.14 -35.36
CA LYS B 8 14.61 -16.13 -36.82
C LYS B 8 14.35 -14.72 -37.42
N TYR B 9 13.97 -13.76 -36.59
CA TYR B 9 13.53 -12.51 -37.14
C TYR B 9 14.72 -11.54 -37.28
N THR B 10 15.73 -11.68 -36.42
CA THR B 10 16.97 -10.93 -36.59
C THR B 10 18.01 -11.76 -37.38
N GLY B 11 17.81 -13.07 -37.44
CA GLY B 11 18.82 -13.99 -37.98
C GLY B 11 20.10 -14.24 -37.19
N ASN B 12 20.17 -13.75 -35.95
CA ASN B 12 21.37 -13.85 -35.14
C ASN B 12 21.24 -14.96 -34.07
N THR B 13 22.39 -15.51 -33.66
CA THR B 13 22.50 -16.38 -32.48
C THR B 13 23.00 -15.56 -31.30
N TYR B 14 22.50 -15.87 -30.11
CA TYR B 14 22.78 -15.06 -28.94
C TYR B 14 23.26 -16.00 -27.85
N ARG B 15 23.89 -15.45 -26.83
CA ARG B 15 24.17 -16.23 -25.64
C ARG B 15 23.20 -15.80 -24.54
N VAL B 16 22.87 -16.74 -23.63
CA VAL B 16 22.09 -16.41 -22.43
C VAL B 16 22.54 -15.11 -21.80
N GLY B 17 21.59 -14.25 -21.44
CA GLY B 17 21.95 -12.93 -20.90
C GLY B 17 21.88 -11.84 -21.97
N ASP B 18 22.14 -12.18 -23.23
CA ASP B 18 22.06 -11.19 -24.32
C ASP B 18 20.67 -10.51 -24.44
N THR B 19 20.69 -9.23 -24.75
CA THR B 19 19.48 -8.46 -24.96
C THR B 19 19.62 -7.77 -26.30
N TYR B 20 18.53 -7.67 -27.05
CA TYR B 20 18.66 -7.15 -28.41
C TYR B 20 17.31 -6.68 -28.84
N GLU B 21 17.24 -5.83 -29.87
CA GLU B 21 15.95 -5.48 -30.43
C GLU B 21 15.58 -6.38 -31.57
N ARG B 22 14.30 -6.72 -31.65
CA ARG B 22 13.74 -7.53 -32.70
C ARG B 22 12.60 -6.80 -33.39
N PRO B 23 12.70 -6.63 -34.73
CA PRO B 23 11.63 -5.99 -35.47
C PRO B 23 10.58 -7.03 -35.81
N LYS B 24 9.34 -6.81 -35.38
CA LYS B 24 8.30 -7.82 -35.66
C LYS B 24 6.97 -7.19 -35.50
N ASP B 25 6.05 -7.52 -36.42
CA ASP B 25 4.68 -6.98 -36.36
C ASP B 25 4.71 -5.44 -36.40
N SER B 26 5.65 -4.91 -37.16
CA SER B 26 5.69 -3.47 -37.36
C SER B 26 6.06 -2.72 -36.07
N MET B 27 6.66 -3.47 -35.15
CA MET B 27 7.01 -3.00 -33.84
C MET B 27 8.45 -3.37 -33.56
N ILE B 28 9.12 -2.60 -32.69
CA ILE B 28 10.39 -3.09 -32.15
C ILE B 28 10.18 -3.73 -30.75
N TRP B 29 10.76 -4.91 -30.57
CA TRP B 29 10.62 -5.68 -29.36
C TRP B 29 11.96 -5.71 -28.67
N ASP B 30 11.94 -5.63 -27.35
CA ASP B 30 13.12 -5.83 -26.56
C ASP B 30 13.19 -7.26 -26.13
N CYS B 31 14.17 -7.99 -26.64
CA CYS B 31 14.29 -9.41 -26.37
C CYS B 31 15.48 -9.68 -25.49
N THR B 32 15.41 -10.81 -24.83
CA THR B 32 16.42 -11.31 -23.93
C THR B 32 16.65 -12.75 -24.27
N CYS B 33 17.90 -13.17 -24.49
CA CYS B 33 18.08 -14.60 -24.61
C CYS B 33 18.06 -15.22 -23.20
N ILE B 34 17.11 -16.13 -22.92
CA ILE B 34 16.95 -16.78 -21.61
C ILE B 34 17.64 -18.15 -21.60
N GLY B 35 17.49 -18.92 -22.68
CA GLY B 35 18.06 -20.26 -22.74
C GLY B 35 17.15 -21.28 -22.08
N ALA B 36 17.26 -21.38 -20.76
CA ALA B 36 16.49 -22.36 -19.94
C ALA B 36 16.41 -23.79 -20.50
N GLY B 37 17.47 -24.20 -21.21
CA GLY B 37 17.57 -25.55 -21.75
C GLY B 37 16.84 -25.73 -23.07
N ARG B 38 16.28 -24.63 -23.59
CA ARG B 38 15.39 -24.68 -24.73
C ARG B 38 15.57 -23.47 -25.66
N GLY B 39 16.72 -22.82 -25.57
CA GLY B 39 16.97 -21.64 -26.38
C GLY B 39 15.91 -20.56 -26.18
N ARG B 40 15.32 -20.48 -24.99
CA ARG B 40 14.15 -19.62 -24.80
C ARG B 40 14.48 -18.16 -24.94
N ILE B 41 13.71 -17.44 -25.75
CA ILE B 41 13.81 -15.99 -25.87
C ILE B 41 12.62 -15.42 -25.18
N SER B 42 12.79 -14.34 -24.42
CA SER B 42 11.66 -13.52 -23.98
C SER B 42 11.67 -12.20 -24.72
N CYS B 43 10.54 -11.80 -25.28
CA CYS B 43 10.43 -10.49 -25.98
C CYS B 43 9.28 -9.66 -25.46
N THR B 44 9.43 -8.34 -25.37
CA THR B 44 8.39 -7.48 -24.78
C THR B 44 8.33 -6.12 -25.50
N ILE B 45 7.12 -5.61 -25.70
CA ILE B 45 6.90 -4.24 -26.14
C ILE B 45 6.32 -3.47 -24.98
N ALA B 46 6.42 -4.04 -23.77
CA ALA B 46 5.80 -3.44 -22.58
C ALA B 46 6.50 -2.16 -22.10
N ASN B 47 7.74 -1.98 -22.50
CA ASN B 47 8.50 -0.77 -22.13
C ASN B 47 8.58 0.25 -23.26
N ARG B 48 7.68 0.09 -24.23
CA ARG B 48 7.71 1.02 -25.36
C ARG B 48 6.32 1.54 -25.65
N CYS B 49 6.28 2.56 -26.49
CA CYS B 49 5.09 2.96 -27.21
C CYS B 49 5.32 2.84 -28.71
N HIS B 50 4.22 2.74 -29.44
CA HIS B 50 4.31 2.65 -30.88
C HIS B 50 3.21 3.52 -31.48
N GLU B 51 3.61 4.54 -32.21
CA GLU B 51 2.71 5.57 -32.68
C GLU B 51 3.28 6.19 -33.94
N GLY B 52 2.50 6.27 -35.00
CA GLY B 52 2.89 7.04 -36.19
C GLY B 52 4.05 6.42 -36.90
N GLY B 53 4.15 5.10 -36.81
CA GLY B 53 5.26 4.42 -37.45
C GLY B 53 6.60 4.49 -36.75
N GLN B 54 6.62 5.07 -35.54
CA GLN B 54 7.82 5.06 -34.67
C GLN B 54 7.71 4.22 -33.40
N SER B 55 8.82 3.59 -33.04
CA SER B 55 8.95 2.97 -31.71
C SER B 55 9.63 3.92 -30.67
N TYR B 56 8.96 4.19 -29.54
CA TYR B 56 9.50 5.00 -28.42
C TYR B 56 9.78 4.17 -27.19
N LYS B 57 10.77 4.54 -26.39
CA LYS B 57 10.93 3.91 -25.08
C LYS B 57 10.19 4.72 -24.05
N ILE B 58 9.74 4.07 -22.97
CA ILE B 58 9.14 4.80 -21.87
C ILE B 58 10.12 5.93 -21.50
N GLY B 59 9.57 7.13 -21.37
CA GLY B 59 10.31 8.30 -20.90
C GLY B 59 10.67 9.15 -22.10
N ASP B 60 10.46 8.63 -23.31
CA ASP B 60 10.75 9.43 -24.50
C ASP B 60 9.75 10.58 -24.59
N THR B 61 10.22 11.70 -25.11
CA THR B 61 9.37 12.85 -25.32
C THR B 61 9.60 13.30 -26.74
N TRP B 62 8.55 13.83 -27.37
CA TRP B 62 8.71 14.47 -28.66
C TRP B 62 7.64 15.54 -28.80
N ARG B 63 7.92 16.48 -29.69
CA ARG B 63 7.03 17.59 -29.89
C ARG B 63 6.60 17.61 -31.33
N ARG B 64 5.35 17.97 -31.56
CA ARG B 64 4.81 18.11 -32.89
C ARG B 64 3.52 18.91 -32.87
N PRO B 65 3.16 19.48 -34.02
CA PRO B 65 2.00 20.33 -34.05
C PRO B 65 0.79 19.46 -34.11
N HIS B 66 -0.28 19.94 -33.49
CA HIS B 66 -1.56 19.32 -33.61
C HIS B 66 -2.00 19.34 -35.09
N GLU B 67 -2.46 18.19 -35.61
CA GLU B 67 -2.59 18.03 -37.04
C GLU B 67 -3.68 18.91 -37.58
N THR B 68 -4.59 19.33 -36.72
CA THR B 68 -5.66 20.15 -37.20
C THR B 68 -5.52 21.56 -36.69
N GLY B 69 -5.31 21.67 -35.39
CA GLY B 69 -5.21 22.97 -34.70
C GLY B 69 -3.95 23.79 -35.05
N GLY B 70 -2.86 23.12 -35.39
CA GLY B 70 -1.62 23.84 -35.70
C GLY B 70 -0.79 24.24 -34.48
N TYR B 71 -1.36 24.08 -33.30
CA TYR B 71 -0.62 24.43 -32.10
C TYR B 71 0.30 23.27 -31.63
N MET B 72 1.34 23.61 -30.87
CA MET B 72 2.36 22.62 -30.58
CA MET B 72 2.38 22.68 -30.52
C MET B 72 1.89 21.71 -29.46
N LEU B 73 2.37 20.47 -29.52
CA LEU B 73 2.00 19.48 -28.54
C LEU B 73 3.26 18.91 -27.98
N GLU B 74 3.21 18.48 -26.73
CA GLU B 74 4.31 17.71 -26.20
C GLU B 74 3.80 16.33 -25.89
N CYS B 75 4.51 15.33 -26.43
CA CYS B 75 4.06 13.96 -26.39
C CYS B 75 4.97 13.19 -25.48
N VAL B 76 4.44 12.19 -24.79
CA VAL B 76 5.28 11.44 -23.86
CA VAL B 76 5.27 11.46 -23.85
C VAL B 76 4.88 10.00 -23.91
N CYS B 77 5.87 9.13 -23.97
CA CYS B 77 5.61 7.73 -23.89
C CYS B 77 5.59 7.36 -22.41
N LEU B 78 4.39 7.11 -21.87
CA LEU B 78 4.31 6.65 -20.49
C LEU B 78 4.42 5.14 -20.36
N GLY B 79 3.87 4.40 -21.32
CA GLY B 79 3.97 2.95 -21.28
C GLY B 79 2.91 2.35 -20.40
N ASN B 80 3.21 2.15 -19.12
CA ASN B 80 2.23 1.54 -18.19
C ASN B 80 1.73 0.19 -18.66
N GLY B 81 2.60 -0.59 -19.30
CA GLY B 81 2.30 -1.96 -19.65
C GLY B 81 1.45 -2.03 -20.89
N LYS B 82 1.12 -0.88 -21.50
CA LYS B 82 0.08 -0.86 -22.54
C LYS B 82 0.36 0.18 -23.63
N GLY B 83 1.60 0.60 -23.76
CA GLY B 83 1.95 1.51 -24.85
C GLY B 83 1.36 2.91 -24.69
N GLU B 84 1.05 3.29 -23.45
CA GLU B 84 0.28 4.51 -23.26
C GLU B 84 1.13 5.75 -23.57
N TRP B 85 0.64 6.64 -24.42
CA TRP B 85 1.31 7.93 -24.70
C TRP B 85 0.28 9.04 -24.52
N THR B 86 0.73 10.26 -24.27
CA THR B 86 -0.14 11.41 -24.23
C THR B 86 0.50 12.47 -25.07
N CYS B 87 -0.31 13.37 -25.60
CA CYS B 87 0.22 14.57 -26.18
C CYS B 87 -0.57 15.78 -25.69
N LYS B 88 0.11 16.72 -25.06
CA LYS B 88 -0.56 17.78 -24.34
C LYS B 88 -0.17 19.11 -24.99
N PRO B 89 -1.15 19.96 -25.26
CA PRO B 89 -0.76 21.26 -25.81
C PRO B 89 0.22 21.99 -24.87
N ILE B 90 1.27 22.57 -25.43
CA ILE B 90 2.18 23.37 -24.62
C ILE B 90 2.33 24.81 -25.11
N ALA C 1 -28.04 16.35 5.96
CA ALA C 1 -26.89 16.89 6.72
C ALA C 1 -25.70 16.77 5.81
N GLU C 2 -24.87 17.80 5.72
CA GLU C 2 -23.72 17.70 4.81
C GLU C 2 -22.48 18.06 5.63
N GLU C 3 -21.45 17.23 5.54
CA GLU C 3 -20.24 17.36 6.29
C GLU C 3 -19.23 18.15 5.48
N THR C 4 -18.34 18.85 6.17
CA THR C 4 -17.23 19.56 5.53
C THR C 4 -15.88 18.97 5.97
N CYS C 5 -14.83 19.17 5.16
CA CYS C 5 -13.42 18.99 5.61
C CYS C 5 -12.81 20.35 5.84
N PHE C 6 -11.89 20.41 6.77
CA PHE C 6 -11.02 21.59 6.96
C PHE C 6 -9.55 21.24 6.89
N ASP C 7 -8.81 21.96 6.05
CA ASP C 7 -7.38 21.73 5.85
C ASP C 7 -6.57 22.88 6.41
N LYS C 8 -5.80 22.65 7.47
CA LYS C 8 -5.07 23.76 8.12
C LYS C 8 -3.93 24.32 7.25
N TYR C 9 -3.47 23.53 6.29
CA TYR C 9 -2.40 23.97 5.42
C TYR C 9 -2.95 24.87 4.32
N THR C 10 -4.14 24.59 3.80
CA THR C 10 -4.73 25.50 2.81
C THR C 10 -5.54 26.60 3.49
N GLY C 11 -5.95 26.31 4.72
CA GLY C 11 -6.78 27.20 5.47
C GLY C 11 -8.22 27.11 5.05
N ASN C 12 -8.57 26.10 4.23
CA ASN C 12 -9.80 26.14 3.47
C ASN C 12 -10.77 25.01 3.85
N THR C 13 -12.03 25.19 3.49
CA THR C 13 -13.06 24.25 3.84
C THR C 13 -13.44 23.54 2.56
N TYR C 14 -13.93 22.30 2.67
CA TYR C 14 -14.14 21.49 1.51
C TYR C 14 -15.43 20.70 1.65
N ARG C 15 -16.03 20.33 0.53
CA ARG C 15 -17.18 19.43 0.51
C ARG C 15 -16.71 17.99 0.29
N VAL C 16 -17.48 17.04 0.74
CA VAL C 16 -17.10 15.64 0.54
C VAL C 16 -16.93 15.48 -0.96
N GLY C 17 -15.80 14.87 -1.34
CA GLY C 17 -15.49 14.70 -2.74
C GLY C 17 -14.66 15.82 -3.33
N ASP C 18 -14.46 16.93 -2.63
CA ASP C 18 -13.58 17.98 -3.18
C ASP C 18 -12.16 17.47 -3.33
N THR C 19 -11.48 18.00 -4.32
CA THR C 19 -10.25 17.44 -4.75
C THR C 19 -9.34 18.65 -4.84
N TYR C 20 -8.17 18.63 -4.21
CA TYR C 20 -7.39 19.88 -4.06
C TYR C 20 -5.88 19.71 -3.82
N GLU C 21 -5.11 20.79 -3.93
CA GLU C 21 -3.66 20.69 -3.68
C GLU C 21 -3.29 21.24 -2.30
N ARG C 22 -2.55 20.46 -1.52
CA ARG C 22 -2.02 20.93 -0.26
C ARG C 22 -0.50 21.09 -0.38
N PRO C 23 0.00 22.31 -0.19
CA PRO C 23 1.42 22.57 0.01
C PRO C 23 1.83 22.17 1.42
N LYS C 24 2.76 21.22 1.52
CA LYS C 24 3.29 20.79 2.80
C LYS C 24 4.65 20.13 2.59
N ASP C 25 5.66 20.61 3.31
CA ASP C 25 6.96 19.92 3.34
C ASP C 25 7.72 20.16 2.04
N SER C 26 7.47 21.30 1.40
CA SER C 26 8.10 21.65 0.13
C SER C 26 7.57 20.80 -1.03
N MET C 27 6.44 20.14 -0.79
CA MET C 27 5.82 19.30 -1.80
C MET C 27 4.36 19.71 -2.03
N ILE C 28 3.76 19.25 -3.12
CA ILE C 28 2.36 19.43 -3.29
C ILE C 28 1.68 18.09 -3.19
N TRP C 29 0.70 18.00 -2.29
CA TRP C 29 -0.10 16.78 -2.12
C TRP C 29 -1.40 16.95 -2.84
N ASP C 30 -1.84 15.91 -3.52
CA ASP C 30 -3.22 15.83 -4.01
C ASP C 30 -4.17 15.22 -2.98
N CYS C 31 -5.13 16.01 -2.56
CA CYS C 31 -5.93 15.66 -1.43
C CYS C 31 -7.40 15.56 -1.84
N THR C 32 -8.09 14.72 -1.11
CA THR C 32 -9.48 14.44 -1.33
C THR C 32 -10.18 14.66 -0.01
N CYS C 33 -11.24 15.47 0.00
CA CYS C 33 -12.10 15.56 1.18
C CYS C 33 -13.05 14.35 1.24
N ILE C 34 -12.92 13.54 2.27
CA ILE C 34 -13.74 12.30 2.38
C ILE C 34 -14.90 12.46 3.33
N GLY C 35 -14.62 12.97 4.52
CA GLY C 35 -15.67 13.08 5.57
C GLY C 35 -15.93 11.78 6.30
N ALA C 36 -16.90 10.99 5.82
CA ALA C 36 -17.22 9.68 6.37
C ALA C 36 -17.49 9.76 7.88
N GLY C 37 -17.88 10.96 8.32
CA GLY C 37 -18.33 11.22 9.68
C GLY C 37 -17.15 11.53 10.56
N ARG C 38 -15.96 11.54 9.97
CA ARG C 38 -14.79 11.79 10.79
C ARG C 38 -13.93 12.94 10.24
N GLY C 39 -14.49 13.77 9.36
CA GLY C 39 -13.73 14.88 8.73
C GLY C 39 -12.56 14.42 7.83
N ARG C 40 -12.59 13.15 7.39
CA ARG C 40 -11.43 12.48 6.79
C ARG C 40 -10.87 13.20 5.55
N ILE C 41 -9.55 13.33 5.47
CA ILE C 41 -8.83 13.87 4.34
C ILE C 41 -7.81 12.79 3.91
N SER C 42 -7.67 12.54 2.62
CA SER C 42 -6.61 11.64 2.12
C SER C 42 -5.74 12.48 1.22
N CYS C 43 -4.43 12.48 1.47
CA CYS C 43 -3.50 13.23 0.63
C CYS C 43 -2.43 12.31 0.11
N THR C 44 -2.06 12.49 -1.13
CA THR C 44 -1.01 11.66 -1.74
C THR C 44 -0.03 12.50 -2.59
N ILE C 45 1.23 12.06 -2.59
CA ILE C 45 2.24 12.52 -3.54
C ILE C 45 2.56 11.43 -4.57
N ALA C 46 1.80 10.35 -4.51
CA ALA C 46 2.00 9.19 -5.36
C ALA C 46 1.57 9.38 -6.85
N ASN C 47 0.88 10.46 -7.17
CA ASN C 47 0.58 10.83 -8.58
C ASN C 47 1.52 11.90 -9.13
N ARG C 48 2.57 12.17 -8.37
CA ARG C 48 3.53 13.24 -8.66
C ARG C 48 4.95 12.73 -8.56
N CYS C 49 5.91 13.56 -9.02
CA CYS C 49 7.33 13.52 -8.73
C CYS C 49 7.68 14.83 -8.08
N HIS C 50 8.75 14.81 -7.27
CA HIS C 50 9.29 15.98 -6.56
C HIS C 50 10.81 15.99 -6.66
N GLU C 51 11.34 16.82 -7.55
CA GLU C 51 12.76 16.78 -7.87
C GLU C 51 13.25 18.20 -8.00
N GLY C 52 14.50 18.45 -7.63
CA GLY C 52 15.06 19.81 -7.72
C GLY C 52 14.08 20.84 -7.17
N GLY C 53 13.34 20.44 -6.13
CA GLY C 53 12.40 21.34 -5.42
C GLY C 53 11.14 21.74 -6.18
N GLN C 54 10.94 21.16 -7.38
CA GLN C 54 9.70 21.33 -8.08
C GLN C 54 8.74 20.15 -7.84
N SER C 55 7.45 20.39 -8.04
CA SER C 55 6.47 19.34 -7.99
C SER C 55 5.99 19.17 -9.39
N TYR C 56 5.95 17.92 -9.85
CA TYR C 56 5.54 17.53 -11.20
C TYR C 56 4.40 16.54 -11.20
N LYS C 57 3.38 16.77 -12.04
CA LYS C 57 2.41 15.72 -12.31
C LYS C 57 3.03 14.71 -13.23
N ILE C 58 2.46 13.52 -13.26
CA ILE C 58 2.80 12.54 -14.24
C ILE C 58 2.65 13.05 -15.66
N GLY C 59 3.62 12.71 -16.50
CA GLY C 59 3.71 13.20 -17.85
C GLY C 59 4.35 14.56 -18.01
N ASP C 60 4.55 15.24 -16.89
CA ASP C 60 5.30 16.51 -16.89
C ASP C 60 6.75 16.28 -17.34
N THR C 61 7.30 17.24 -18.07
CA THR C 61 8.67 17.19 -18.52
C THR C 61 9.45 18.36 -17.97
N TRP C 62 10.75 18.19 -17.89
CA TRP C 62 11.60 19.28 -17.51
C TRP C 62 12.95 18.95 -18.10
N ARG C 63 13.76 19.99 -18.27
CA ARG C 63 15.16 19.83 -18.65
C ARG C 63 16.05 20.27 -17.49
N ARG C 64 17.20 19.64 -17.36
CA ARG C 64 18.23 20.08 -16.43
C ARG C 64 19.58 19.59 -16.89
N PRO C 65 20.67 20.22 -16.39
CA PRO C 65 22.02 19.63 -16.51
C PRO C 65 22.16 18.36 -15.66
N HIS C 66 22.77 17.34 -16.23
CA HIS C 66 23.45 16.32 -15.45
C HIS C 66 24.37 16.96 -14.38
N GLU C 67 24.26 16.48 -13.15
CA GLU C 67 24.87 17.17 -12.02
C GLU C 67 26.40 16.98 -11.93
N THR C 68 26.94 15.97 -12.60
CA THR C 68 28.40 15.79 -12.65
C THR C 68 28.94 15.74 -14.08
N GLY C 69 28.06 15.68 -15.07
CA GLY C 69 28.52 15.63 -16.45
C GLY C 69 28.26 16.95 -17.15
N GLY C 70 27.26 17.68 -16.64
CA GLY C 70 26.86 18.94 -17.19
C GLY C 70 25.99 18.86 -18.44
N TYR C 71 26.11 17.78 -19.23
CA TYR C 71 25.32 17.68 -20.47
C TYR C 71 23.82 17.75 -20.13
N MET C 72 23.03 18.29 -21.06
CA MET C 72 21.62 18.49 -20.82
C MET C 72 20.77 17.17 -20.85
N LEU C 73 19.81 17.09 -19.92
CA LEU C 73 18.90 15.98 -19.83
C LEU C 73 17.52 16.50 -20.01
N GLU C 74 16.69 15.64 -20.57
CA GLU C 74 15.28 15.93 -20.57
C GLU C 74 14.58 14.81 -19.79
N CYS C 75 13.69 15.23 -18.91
CA CYS C 75 13.22 14.39 -17.83
C CYS C 75 11.72 14.34 -17.92
N VAL C 76 11.16 13.22 -17.48
CA VAL C 76 9.76 12.97 -17.51
C VAL C 76 9.37 12.42 -16.14
N CYS C 77 8.30 12.92 -15.55
CA CYS C 77 7.66 12.27 -14.41
C CYS C 77 6.77 11.10 -14.84
N LEU C 78 7.25 9.88 -14.56
CA LEU C 78 6.42 8.66 -14.69
C LEU C 78 5.49 8.40 -13.51
N GLY C 79 5.97 8.57 -12.28
CA GLY C 79 5.14 8.40 -11.10
C GLY C 79 5.19 6.96 -10.65
N ASN C 80 4.21 6.19 -11.13
CA ASN C 80 4.16 4.76 -10.82
C ASN C 80 4.05 4.54 -9.31
N GLY C 81 3.35 5.44 -8.64
CA GLY C 81 3.06 5.29 -7.21
C GLY C 81 4.19 5.79 -6.29
N LYS C 82 5.30 6.21 -6.89
CA LYS C 82 6.54 6.30 -6.13
C LYS C 82 7.49 7.40 -6.62
N GLY C 83 7.00 8.38 -7.37
CA GLY C 83 7.82 9.57 -7.68
C GLY C 83 8.83 9.21 -8.74
N GLU C 84 8.54 8.20 -9.56
CA GLU C 84 9.57 7.73 -10.49
C GLU C 84 9.79 8.70 -11.65
N TRP C 85 11.06 8.97 -11.94
CA TRP C 85 11.34 9.90 -13.03
C TRP C 85 12.41 9.24 -13.85
N THR C 86 12.60 9.77 -15.05
CA THR C 86 13.55 9.25 -15.99
C THR C 86 14.03 10.44 -16.82
N CYS C 87 15.32 10.44 -17.15
CA CYS C 87 15.95 11.60 -17.77
C CYS C 87 16.90 11.08 -18.81
N LYS C 88 17.05 11.77 -19.91
CA LYS C 88 18.01 11.24 -20.84
C LYS C 88 18.53 12.33 -21.71
N PRO C 89 19.78 12.15 -22.21
CA PRO C 89 20.51 13.21 -22.89
C PRO C 89 19.65 13.78 -24.00
N ILE C 90 19.65 15.10 -24.11
CA ILE C 90 19.03 15.74 -25.24
C ILE C 90 19.99 15.75 -26.42
N ALA D 1 10.53 -12.11 3.23
CA ALA D 1 9.39 -12.65 4.05
C ALA D 1 9.05 -11.79 5.27
N GLU D 2 9.98 -11.04 5.90
CA GLU D 2 9.53 -10.12 6.98
C GLU D 2 9.76 -8.62 6.69
N GLU D 3 8.72 -7.82 6.86
CA GLU D 3 8.73 -6.43 6.51
C GLU D 3 9.02 -5.59 7.76
N THR D 4 9.63 -4.42 7.59
CA THR D 4 9.79 -3.51 8.70
C THR D 4 9.08 -2.17 8.46
N CYS D 5 8.78 -1.44 9.55
CA CYS D 5 8.44 0.00 9.43
C CYS D 5 9.62 0.81 9.87
N PHE D 6 9.77 1.99 9.28
CA PHE D 6 10.71 2.99 9.78
C PHE D 6 10.01 4.30 10.14
N ASP D 7 10.32 4.83 11.32
CA ASP D 7 9.72 6.09 11.81
C ASP D 7 10.77 7.23 11.90
N LYS D 8 10.65 8.19 11.00
CA LYS D 8 11.30 9.49 10.99
C LYS D 8 11.57 10.10 12.35
N TYR D 9 10.52 10.17 13.15
CA TYR D 9 10.51 10.98 14.34
C TYR D 9 11.19 10.25 15.48
N THR D 10 10.96 8.94 15.61
CA THR D 10 11.74 8.18 16.59
C THR D 10 13.14 7.83 16.06
N GLY D 11 13.26 7.77 14.73
CA GLY D 11 14.44 7.29 14.05
C GLY D 11 14.61 5.80 14.14
N ASN D 12 13.53 5.11 14.53
CA ASN D 12 13.63 3.69 14.85
C ASN D 12 12.98 2.77 13.77
N THR D 13 13.41 1.51 13.78
CA THR D 13 12.85 0.48 12.93
C THR D 13 11.95 -0.41 13.74
N TYR D 14 10.90 -0.96 13.13
CA TYR D 14 9.88 -1.63 13.89
C TYR D 14 9.52 -2.93 13.19
N ARG D 15 9.03 -3.88 13.96
CA ARG D 15 8.49 -5.09 13.37
C ARG D 15 7.00 -4.86 13.18
N VAL D 16 6.42 -5.59 12.27
CA VAL D 16 4.98 -5.53 12.13
C VAL D 16 4.34 -5.90 13.47
N GLY D 17 3.37 -5.09 13.91
CA GLY D 17 2.75 -5.32 15.20
C GLY D 17 3.36 -4.47 16.30
N ASP D 18 4.57 -3.94 16.11
CA ASP D 18 5.12 -3.16 17.21
C ASP D 18 4.28 -1.93 17.47
N THR D 19 4.07 -1.64 18.75
CA THR D 19 3.33 -0.49 19.17
C THR D 19 4.32 0.42 19.88
N TYR D 20 4.30 1.71 19.59
CA TYR D 20 5.33 2.61 20.15
C TYR D 20 4.83 4.05 20.26
N GLU D 21 5.60 4.92 20.93
CA GLU D 21 5.26 6.32 21.05
C GLU D 21 6.04 7.16 20.06
N ARG D 22 5.33 7.99 19.31
CA ARG D 22 5.96 8.98 18.45
C ARG D 22 5.80 10.41 19.00
N PRO D 23 6.92 11.12 19.22
CA PRO D 23 6.86 12.54 19.53
C PRO D 23 6.75 13.34 18.25
N LYS D 24 5.69 14.12 18.14
CA LYS D 24 5.48 14.95 16.95
C LYS D 24 4.47 16.07 17.21
N ASP D 25 4.85 17.28 16.79
CA ASP D 25 3.95 18.41 16.92
C ASP D 25 3.62 18.68 18.39
N SER D 26 4.60 18.49 19.26
CA SER D 26 4.46 18.73 20.72
C SER D 26 3.48 17.77 21.42
N MET D 27 3.13 16.68 20.73
CA MET D 27 2.23 15.67 21.28
C MET D 27 2.91 14.29 21.30
N ILE D 28 2.27 13.31 21.93
CA ILE D 28 2.71 11.95 21.84
C ILE D 28 1.65 11.12 21.16
N TRP D 29 2.06 10.43 20.10
CA TRP D 29 1.16 9.60 19.31
C TRP D 29 1.41 8.17 19.70
N ASP D 30 0.33 7.39 19.82
CA ASP D 30 0.42 5.93 19.85
C ASP D 30 0.37 5.30 18.45
N CYS D 31 1.51 4.74 18.07
CA CYS D 31 1.70 4.24 16.74
C CYS D 31 1.77 2.71 16.74
N THR D 32 1.36 2.16 15.62
CA THR D 32 1.41 0.76 15.31
C THR D 32 2.14 0.59 13.99
N CYS D 33 3.17 -0.26 13.98
CA CYS D 33 3.73 -0.73 12.71
C CYS D 33 2.84 -1.79 12.04
N ILE D 34 2.36 -1.43 10.85
CA ILE D 34 1.43 -2.27 10.12
C ILE D 34 2.13 -3.02 9.01
N GLY D 35 2.93 -2.30 8.22
CA GLY D 35 3.49 -2.84 6.96
C GLY D 35 2.49 -3.10 5.83
N ALA D 36 1.97 -4.33 5.77
CA ALA D 36 1.02 -4.73 4.75
C ALA D 36 1.53 -4.42 3.33
N GLY D 37 2.83 -4.59 3.11
CA GLY D 37 3.38 -4.46 1.76
C GLY D 37 3.69 -3.01 1.47
N ARG D 38 3.22 -2.08 2.31
CA ARG D 38 3.52 -0.64 2.05
C ARG D 38 4.20 0.13 3.19
N GLY D 39 4.81 -0.55 4.18
CA GLY D 39 5.62 0.19 5.22
C GLY D 39 4.69 0.97 6.18
N ARG D 40 3.42 0.56 6.18
CA ARG D 40 2.32 1.34 6.74
C ARG D 40 2.47 1.55 8.20
N ILE D 41 2.24 2.77 8.66
CA ILE D 41 2.15 3.06 10.08
C ILE D 41 0.86 3.75 10.41
N SER D 42 0.33 3.53 11.61
CA SER D 42 -0.88 4.19 12.04
C SER D 42 -0.64 4.76 13.40
N CYS D 43 -0.95 6.04 13.55
CA CYS D 43 -0.62 6.80 14.76
C CYS D 43 -1.86 7.54 15.18
N THR D 44 -2.03 7.65 16.49
CA THR D 44 -3.25 8.23 17.01
C THR D 44 -2.95 8.94 18.33
N ILE D 45 -3.63 10.08 18.52
CA ILE D 45 -3.72 10.74 19.84
C ILE D 45 -5.10 10.55 20.48
N ALA D 46 -5.91 9.72 19.86
CA ALA D 46 -7.28 9.42 20.30
C ALA D 46 -7.46 8.55 21.57
N ASN D 47 -6.39 7.97 22.07
CA ASN D 47 -6.42 7.35 23.39
C ASN D 47 -5.69 8.21 24.41
N ARG D 48 -5.45 9.48 24.07
CA ARG D 48 -4.74 10.43 24.95
C ARG D 48 -5.52 11.73 25.13
N CYS D 49 -5.04 12.56 26.06
CA CYS D 49 -5.38 13.95 26.21
C CYS D 49 -4.07 14.72 26.12
N HIS D 50 -4.13 15.92 25.56
CA HIS D 50 -2.99 16.85 25.58
C HIS D 50 -3.44 18.19 26.11
N GLU D 51 -2.95 18.53 27.30
CA GLU D 51 -3.37 19.76 27.92
C GLU D 51 -2.17 20.33 28.63
N GLY D 52 -2.14 21.66 28.72
CA GLY D 52 -0.99 22.34 29.31
C GLY D 52 0.38 21.88 28.83
N GLY D 53 0.48 21.50 27.56
CA GLY D 53 1.74 21.02 26.99
C GLY D 53 2.15 19.62 27.39
N GLN D 54 1.30 18.95 28.16
CA GLN D 54 1.60 17.58 28.58
C GLN D 54 0.77 16.55 27.84
N SER D 55 1.26 15.33 27.80
CA SER D 55 0.53 14.24 27.21
C SER D 55 0.07 13.30 28.32
N TYR D 56 -1.21 12.91 28.28
CA TYR D 56 -1.81 12.02 29.28
C TYR D 56 -2.51 10.83 28.63
N LYS D 57 -2.32 9.67 29.22
CA LYS D 57 -3.02 8.49 28.81
C LYS D 57 -4.36 8.54 29.48
N ILE D 58 -5.32 7.84 28.92
CA ILE D 58 -6.62 7.71 29.60
C ILE D 58 -6.41 7.26 31.04
N GLY D 59 -7.04 7.98 31.97
CA GLY D 59 -6.99 7.66 33.39
C GLY D 59 -5.86 8.37 34.11
N ASP D 60 -5.03 9.13 33.38
CA ASP D 60 -4.01 9.94 34.03
C ASP D 60 -4.67 11.13 34.70
N THR D 61 -4.11 11.54 35.81
CA THR D 61 -4.66 12.57 36.61
C THR D 61 -3.62 13.66 36.67
N TRP D 62 -4.07 14.88 36.88
CA TRP D 62 -3.12 15.92 37.11
C TRP D 62 -3.84 17.00 37.88
N ARG D 63 -3.06 17.87 38.51
CA ARG D 63 -3.57 18.98 39.31
C ARG D 63 -3.20 20.31 38.67
N ARG D 64 -4.10 21.28 38.73
CA ARG D 64 -3.86 22.57 38.11
C ARG D 64 -4.80 23.62 38.67
N PRO D 65 -4.40 24.91 38.63
CA PRO D 65 -5.19 25.95 39.28
C PRO D 65 -6.29 26.45 38.34
N HIS D 66 -7.27 27.12 38.91
CA HIS D 66 -8.54 27.40 38.20
C HIS D 66 -8.46 28.64 37.29
N TYR D 71 -7.62 26.93 45.56
CA TYR D 71 -8.57 26.57 44.52
C TYR D 71 -7.90 25.72 43.42
N MET D 72 -7.49 24.52 43.81
CA MET D 72 -6.92 23.56 42.87
C MET D 72 -8.00 22.63 42.27
N LEU D 73 -7.76 22.19 41.04
CA LEU D 73 -8.52 21.12 40.42
C LEU D 73 -7.70 19.83 40.39
N GLU D 74 -8.35 18.69 40.65
CA GLU D 74 -7.87 17.39 40.16
C GLU D 74 -8.47 17.20 38.77
N CYS D 75 -7.61 16.83 37.82
CA CYS D 75 -8.06 16.62 36.47
C CYS D 75 -7.83 15.14 36.10
N VAL D 76 -8.69 14.64 35.23
CA VAL D 76 -8.50 13.30 34.70
CA VAL D 76 -8.66 13.27 34.71
C VAL D 76 -8.74 13.26 33.18
N CYS D 77 -7.84 12.56 32.51
CA CYS D 77 -8.01 12.31 31.11
C CYS D 77 -9.02 11.18 30.86
N LEU D 78 -10.20 11.51 30.35
CA LEU D 78 -11.16 10.46 29.92
C LEU D 78 -10.93 9.98 28.50
N GLY D 79 -10.50 10.90 27.64
CA GLY D 79 -10.14 10.56 26.28
C GLY D 79 -11.36 10.50 25.41
N ASN D 80 -11.97 9.31 25.37
CA ASN D 80 -13.16 9.01 24.55
C ASN D 80 -12.98 9.43 23.08
N GLY D 81 -11.87 9.06 22.47
CA GLY D 81 -11.68 9.31 21.05
C GLY D 81 -11.37 10.77 20.75
N LYS D 82 -11.44 11.66 21.75
CA LYS D 82 -11.39 13.11 21.47
C LYS D 82 -10.61 13.99 22.45
N GLY D 83 -9.68 13.43 23.23
CA GLY D 83 -8.91 14.23 24.21
C GLY D 83 -9.71 14.78 25.38
N GLU D 84 -10.81 14.11 25.72
CA GLU D 84 -11.72 14.63 26.71
C GLU D 84 -11.16 14.59 28.09
N TRP D 85 -11.29 15.70 28.81
CA TRP D 85 -10.75 15.71 30.15
C TRP D 85 -11.79 16.38 31.01
N THR D 86 -11.66 16.23 32.31
CA THR D 86 -12.64 16.75 33.26
C THR D 86 -11.83 17.15 34.51
N CYS D 87 -12.21 18.27 35.12
CA CYS D 87 -11.48 18.82 36.25
C CYS D 87 -12.46 19.26 37.31
N LYS D 88 -12.03 19.17 38.56
CA LYS D 88 -12.96 19.20 39.66
C LYS D 88 -12.22 19.75 40.86
N PRO D 89 -12.81 20.74 41.56
CA PRO D 89 -12.15 21.34 42.70
C PRO D 89 -11.72 20.26 43.65
N ILE D 90 -10.58 20.48 44.31
CA ILE D 90 -9.94 19.43 45.10
C ILE D 90 -10.44 19.38 46.55
N GLU E 2 -13.68 12.85 -12.87
CA GLU E 2 -13.40 11.81 -13.92
C GLU E 2 -13.12 10.39 -13.36
N GLU E 3 -12.53 10.30 -12.16
CA GLU E 3 -12.47 9.02 -11.46
C GLU E 3 -13.84 8.63 -10.91
N THR E 4 -14.19 7.36 -11.03
CA THR E 4 -15.42 6.85 -10.41
C THR E 4 -15.18 5.68 -9.44
N CYS E 5 -16.25 5.25 -8.77
CA CYS E 5 -16.28 4.03 -7.97
C CYS E 5 -17.34 3.17 -8.54
N PHE E 6 -17.21 1.87 -8.36
CA PHE E 6 -18.26 0.98 -8.77
C PHE E 6 -18.62 0.13 -7.58
N ASP E 7 -19.92 0.07 -7.28
CA ASP E 7 -20.44 -0.77 -6.23
C ASP E 7 -21.20 -1.98 -6.80
N LYS E 8 -20.75 -3.20 -6.54
CA LYS E 8 -21.36 -4.39 -7.16
C LYS E 8 -22.73 -4.72 -6.54
N TYR E 9 -23.00 -4.16 -5.37
CA TYR E 9 -24.25 -4.43 -4.69
C TYR E 9 -25.36 -3.56 -5.26
N THR E 10 -25.14 -2.26 -5.40
CA THR E 10 -26.14 -1.46 -6.10
C THR E 10 -25.95 -1.56 -7.61
N GLY E 11 -24.80 -2.07 -8.04
CA GLY E 11 -24.50 -2.14 -9.46
C GLY E 11 -24.34 -0.79 -10.13
N ASN E 12 -24.23 0.25 -9.31
CA ASN E 12 -24.06 1.62 -9.84
C ASN E 12 -22.62 2.09 -9.89
N THR E 13 -22.40 3.07 -10.75
CA THR E 13 -21.18 3.86 -10.79
C THR E 13 -21.40 5.20 -10.13
N TYR E 14 -20.43 5.61 -9.32
CA TYR E 14 -20.53 6.82 -8.53
C TYR E 14 -19.36 7.73 -8.86
N ARG E 15 -19.56 9.03 -8.71
CA ARG E 15 -18.47 10.01 -8.74
C ARG E 15 -17.81 10.22 -7.36
N VAL E 16 -16.55 10.66 -7.33
CA VAL E 16 -15.87 10.97 -6.07
C VAL E 16 -16.79 11.84 -5.22
N GLY E 17 -17.01 11.46 -3.96
CA GLY E 17 -17.86 12.28 -3.09
C GLY E 17 -19.28 11.77 -2.94
N ASP E 18 -19.75 10.98 -3.89
CA ASP E 18 -21.12 10.48 -3.79
C ASP E 18 -21.24 9.74 -2.49
N THR E 19 -22.32 10.00 -1.74
CA THR E 19 -22.70 9.14 -0.63
C THR E 19 -23.97 8.39 -0.98
N TYR E 20 -24.10 7.15 -0.51
CA TYR E 20 -25.10 6.25 -1.07
C TYR E 20 -25.30 5.01 -0.18
N GLU E 21 -26.45 4.38 -0.29
CA GLU E 21 -26.72 3.19 0.52
C GLU E 21 -26.40 1.91 -0.21
N ARG E 22 -25.71 1.02 0.50
CA ARG E 22 -25.41 -0.32 -0.01
C ARG E 22 -26.18 -1.41 0.74
N PRO E 23 -27.06 -2.12 0.05
CA PRO E 23 -27.73 -3.31 0.58
C PRO E 23 -26.81 -4.50 0.55
N LYS E 24 -26.60 -5.13 1.70
CA LYS E 24 -25.68 -6.24 1.76
C LYS E 24 -25.96 -7.04 3.03
N ASP E 25 -26.52 -8.23 2.88
CA ASP E 25 -26.66 -9.12 4.03
C ASP E 25 -27.78 -8.70 4.96
N SER E 26 -28.88 -8.23 4.40
CA SER E 26 -29.99 -7.78 5.23
C SER E 26 -29.65 -6.50 5.97
N MET E 27 -28.47 -5.93 5.68
CA MET E 27 -28.04 -4.68 6.30
C MET E 27 -27.90 -3.60 5.28
N ILE E 28 -27.90 -2.33 5.74
CA ILE E 28 -27.74 -1.19 4.85
C ILE E 28 -26.54 -0.37 5.32
N TRP E 29 -25.61 -0.18 4.37
CA TRP E 29 -24.34 0.45 4.63
C TRP E 29 -24.42 1.83 4.05
N ASP E 30 -23.87 2.78 4.77
CA ASP E 30 -23.73 4.10 4.24
C ASP E 30 -22.32 4.22 3.72
N CYS E 31 -22.19 4.37 2.41
CA CYS E 31 -20.93 4.30 1.70
C CYS E 31 -20.59 5.65 1.18
N THR E 32 -19.30 5.87 1.00
CA THR E 32 -18.77 7.04 0.33
C THR E 32 -17.84 6.62 -0.79
N CYS E 33 -18.06 7.16 -2.00
CA CYS E 33 -17.14 6.90 -3.08
C CYS E 33 -15.95 7.84 -2.87
N ILE E 34 -14.76 7.27 -2.69
CA ILE E 34 -13.55 8.06 -2.41
C ILE E 34 -12.70 8.26 -3.67
N GLY E 35 -12.47 7.15 -4.36
CA GLY E 35 -11.65 7.08 -5.57
C GLY E 35 -10.20 7.00 -5.21
N ALA E 36 -9.56 8.17 -5.17
CA ALA E 36 -8.15 8.37 -4.87
C ALA E 36 -7.30 7.29 -5.52
N GLY E 37 -7.60 6.98 -6.77
CA GLY E 37 -6.62 6.37 -7.65
C GLY E 37 -6.85 4.86 -7.63
N ARG E 38 -7.72 4.39 -6.72
CA ARG E 38 -7.98 2.93 -6.59
C ARG E 38 -9.47 2.61 -6.47
N GLY E 39 -10.32 3.45 -7.02
CA GLY E 39 -11.76 3.24 -6.88
C GLY E 39 -12.21 2.96 -5.45
N ARG E 40 -11.53 3.60 -4.50
CA ARG E 40 -11.75 3.35 -3.08
C ARG E 40 -13.19 3.68 -2.64
N ILE E 41 -13.76 2.78 -1.86
CA ILE E 41 -15.06 3.02 -1.24
C ILE E 41 -14.95 2.84 0.27
N SER E 42 -15.66 3.67 1.01
CA SER E 42 -15.76 3.41 2.43
C SER E 42 -17.22 3.24 2.83
N CYS E 43 -17.50 2.20 3.60
CA CYS E 43 -18.88 1.89 4.00
C CYS E 43 -18.96 1.65 5.50
N THR E 44 -19.99 2.20 6.14
CA THR E 44 -20.18 1.98 7.56
C THR E 44 -21.62 1.59 7.90
N ILE E 45 -21.78 0.70 8.88
CA ILE E 45 -23.09 0.55 9.56
C ILE E 45 -23.15 1.25 10.92
N ALA E 46 -22.17 2.09 11.22
CA ALA E 46 -22.06 2.72 12.52
C ALA E 46 -23.10 3.87 12.76
N ASN E 47 -23.81 4.29 11.71
CA ASN E 47 -24.90 5.29 11.86
C ASN E 47 -26.31 4.70 12.03
N ARG E 48 -26.38 3.39 12.28
CA ARG E 48 -27.63 2.64 12.20
C ARG E 48 -27.70 1.57 13.28
N CYS E 49 -28.90 1.00 13.42
CA CYS E 49 -29.13 -0.27 14.11
C CYS E 49 -29.55 -1.35 13.09
N HIS E 50 -29.20 -2.59 13.37
CA HIS E 50 -29.68 -3.73 12.58
C HIS E 50 -30.14 -4.78 13.57
N GLU E 51 -31.46 -4.90 13.67
CA GLU E 51 -32.11 -5.81 14.56
C GLU E 51 -33.18 -6.48 13.74
N GLY E 52 -33.30 -7.80 13.86
CA GLY E 52 -34.45 -8.51 13.33
C GLY E 52 -34.56 -8.50 11.81
N GLY E 53 -33.41 -8.49 11.12
CA GLY E 53 -33.42 -8.48 9.66
C GLY E 53 -33.66 -7.12 9.02
N GLN E 54 -33.89 -6.10 9.83
CA GLN E 54 -34.30 -4.82 9.30
C GLN E 54 -33.25 -3.76 9.66
N SER E 55 -33.24 -2.63 8.94
CA SER E 55 -32.21 -1.61 9.13
C SER E 55 -32.86 -0.33 9.65
N TYR E 56 -32.22 0.29 10.65
CA TYR E 56 -32.79 1.42 11.38
C TYR E 56 -31.78 2.54 11.45
N LYS E 57 -32.24 3.72 11.07
CA LYS E 57 -31.50 4.95 11.36
C LYS E 57 -31.66 5.36 12.82
N ILE E 58 -30.73 6.16 13.30
CA ILE E 58 -30.79 6.61 14.68
C ILE E 58 -32.12 7.30 14.93
N GLY E 59 -32.80 6.86 15.99
CA GLY E 59 -34.02 7.53 16.38
C GLY E 59 -35.25 6.79 15.85
N ASP E 60 -35.06 5.93 14.86
CA ASP E 60 -36.15 5.12 14.31
C ASP E 60 -36.68 4.21 15.38
N THR E 61 -37.94 3.84 15.28
CA THR E 61 -38.59 2.93 16.23
C THR E 61 -39.21 1.68 15.57
N TRP E 62 -39.27 0.60 16.34
CA TRP E 62 -39.89 -0.63 15.89
C TRP E 62 -40.37 -1.47 17.08
N ARG E 63 -40.92 -2.65 16.77
CA ARG E 63 -41.81 -3.43 17.64
C ARG E 63 -41.38 -4.89 17.76
N ARG E 64 -41.33 -5.42 18.99
CA ARG E 64 -41.30 -6.88 19.18
C ARG E 64 -41.34 -7.37 20.64
N PRO E 65 -41.63 -8.67 20.82
CA PRO E 65 -42.22 -9.30 22.01
C PRO E 65 -41.41 -9.06 23.30
N LEU E 73 -42.80 -4.92 23.68
CA LEU E 73 -41.65 -4.00 23.62
C LEU E 73 -41.76 -3.02 22.45
N GLU E 74 -41.52 -1.74 22.74
CA GLU E 74 -41.15 -0.76 21.72
C GLU E 74 -39.67 -0.44 21.81
N CYS E 75 -39.00 -0.55 20.67
CA CYS E 75 -37.57 -0.39 20.60
C CYS E 75 -37.24 0.89 19.83
N VAL E 76 -36.16 1.53 20.22
CA VAL E 76 -35.62 2.64 19.44
C VAL E 76 -34.14 2.41 19.17
N CYS E 77 -33.64 2.92 18.04
CA CYS E 77 -32.23 2.91 17.73
C CYS E 77 -31.49 4.11 18.33
N LEU E 78 -30.57 3.86 19.28
CA LEU E 78 -29.81 4.92 19.95
C LEU E 78 -28.52 5.17 19.18
N GLY E 79 -27.86 4.10 18.78
CA GLY E 79 -26.74 4.21 17.84
C GLY E 79 -25.40 4.17 18.55
N ASN E 80 -24.83 5.36 18.72
CA ASN E 80 -23.59 5.52 19.49
C ASN E 80 -22.41 4.83 18.85
N GLY E 81 -22.38 4.83 17.52
CA GLY E 81 -21.33 4.18 16.75
C GLY E 81 -21.28 2.66 16.81
N LYS E 82 -22.22 2.06 17.56
CA LYS E 82 -22.23 0.60 17.73
C LYS E 82 -23.61 -0.08 17.68
N GLY E 83 -24.56 0.52 16.95
CA GLY E 83 -25.85 -0.16 16.69
C GLY E 83 -26.63 -0.38 17.97
N GLU E 84 -26.38 0.47 18.94
CA GLU E 84 -27.03 0.34 20.27
C GLU E 84 -28.54 0.65 20.25
N TRP E 85 -29.30 -0.15 20.98
CA TRP E 85 -30.73 0.03 21.02
C TRP E 85 -31.25 -0.19 22.45
N THR E 86 -32.47 0.26 22.70
CA THR E 86 -33.10 0.06 24.01
C THR E 86 -34.53 -0.26 23.74
N CYS E 87 -35.13 -1.12 24.57
CA CYS E 87 -36.55 -1.45 24.44
C CYS E 87 -37.26 -1.42 25.79
N LYS E 88 -38.51 -0.97 25.73
CA LYS E 88 -39.42 -0.82 26.86
C LYS E 88 -40.74 -1.48 26.47
N PRO E 89 -41.54 -1.92 27.45
CA PRO E 89 -42.96 -2.18 27.12
C PRO E 89 -43.77 -0.91 26.86
N GLU F 2 -2.29 -5.48 24.21
CA GLU F 2 -2.88 -6.85 24.29
C GLU F 2 -4.30 -6.90 23.71
N GLU F 3 -4.59 -5.94 22.84
CA GLU F 3 -5.73 -6.04 21.95
C GLU F 3 -5.56 -7.16 20.94
N THR F 4 -6.66 -7.75 20.54
CA THR F 4 -6.67 -8.84 19.57
C THR F 4 -7.64 -8.53 18.41
N CYS F 5 -7.57 -9.36 17.36
CA CYS F 5 -8.50 -9.30 16.23
C CYS F 5 -9.19 -10.60 16.16
N PHE F 6 -10.38 -10.61 15.62
CA PHE F 6 -11.07 -11.87 15.40
C PHE F 6 -11.45 -11.93 13.96
N ASP F 7 -11.13 -13.05 13.34
CA ASP F 7 -11.54 -13.29 11.96
C ASP F 7 -12.65 -14.33 11.87
N LYS F 8 -13.79 -13.96 11.28
CA LYS F 8 -14.96 -14.83 11.27
C LYS F 8 -14.82 -15.98 10.27
N TYR F 9 -13.83 -15.88 9.38
CA TYR F 9 -13.62 -16.92 8.39
C TYR F 9 -12.64 -17.95 8.90
N THR F 10 -11.60 -17.52 9.61
CA THR F 10 -10.68 -18.47 10.21
C THR F 10 -11.22 -18.89 11.58
N GLY F 11 -12.13 -18.11 12.13
CA GLY F 11 -12.68 -18.38 13.45
C GLY F 11 -11.65 -18.10 14.54
N ASN F 12 -10.45 -17.70 14.13
CA ASN F 12 -9.37 -17.48 15.10
C ASN F 12 -9.29 -16.07 15.66
N THR F 13 -8.62 -15.98 16.80
CA THR F 13 -8.19 -14.74 17.43
C THR F 13 -6.72 -14.53 17.23
N TYR F 14 -6.34 -13.32 16.83
CA TYR F 14 -4.94 -12.99 16.53
C TYR F 14 -4.51 -11.88 17.45
N ARG F 15 -3.21 -11.83 17.75
CA ARG F 15 -2.54 -10.65 18.32
C ARG F 15 -2.09 -9.59 17.28
N VAL F 16 -1.95 -8.35 17.72
CA VAL F 16 -1.55 -7.24 16.86
C VAL F 16 -0.23 -7.61 16.19
N GLY F 17 -0.19 -7.47 14.86
CA GLY F 17 0.98 -7.87 14.09
C GLY F 17 0.95 -9.25 13.46
N ASP F 18 0.05 -10.13 13.92
CA ASP F 18 -0.15 -11.43 13.29
C ASP F 18 -0.52 -11.31 11.79
N THR F 19 0.19 -12.03 10.94
CA THR F 19 -0.20 -12.13 9.54
C THR F 19 -0.71 -13.54 9.25
N TYR F 20 -1.84 -13.62 8.56
CA TYR F 20 -2.48 -14.91 8.42
C TYR F 20 -3.19 -14.90 7.11
N GLU F 21 -3.56 -16.09 6.65
CA GLU F 21 -4.36 -16.26 5.46
C GLU F 21 -5.83 -16.44 5.79
N ARG F 22 -6.65 -15.74 5.04
CA ARG F 22 -8.09 -15.78 5.23
C ARG F 22 -8.74 -16.44 4.00
N PRO F 23 -9.38 -17.60 4.20
CA PRO F 23 -10.13 -18.21 3.10
C PRO F 23 -11.53 -17.62 2.99
N LYS F 24 -11.88 -17.13 1.82
CA LYS F 24 -13.11 -16.36 1.64
C LYS F 24 -13.54 -16.41 0.19
N ASP F 25 -14.52 -17.28 -0.08
CA ASP F 25 -15.13 -17.36 -1.41
C ASP F 25 -14.08 -17.61 -2.48
N SER F 26 -13.35 -18.72 -2.30
CA SER F 26 -12.51 -19.32 -3.34
C SER F 26 -11.17 -18.62 -3.44
N MET F 27 -11.00 -17.58 -2.63
CA MET F 27 -9.79 -16.78 -2.66
C MET F 27 -9.13 -16.83 -1.30
N ILE F 28 -7.81 -16.69 -1.32
CA ILE F 28 -7.05 -16.68 -0.09
C ILE F 28 -6.52 -15.26 0.08
N TRP F 29 -6.91 -14.61 1.17
CA TRP F 29 -6.47 -13.28 1.49
C TRP F 29 -5.26 -13.36 2.45
N ASP F 30 -4.29 -12.49 2.21
CA ASP F 30 -3.24 -12.20 3.17
C ASP F 30 -3.68 -11.09 4.13
N CYS F 31 -3.91 -11.43 5.40
CA CYS F 31 -4.45 -10.47 6.34
C CYS F 31 -3.42 -10.10 7.39
N THR F 32 -3.56 -8.91 7.95
CA THR F 32 -2.74 -8.42 9.02
C THR F 32 -3.62 -7.92 10.16
N CYS F 33 -3.47 -8.54 11.33
CA CYS F 33 -4.22 -8.05 12.49
C CYS F 33 -3.58 -6.75 12.92
N ILE F 34 -4.36 -5.67 12.94
CA ILE F 34 -3.81 -4.35 13.27
C ILE F 34 -4.21 -3.89 14.68
N GLY F 35 -5.48 -4.09 15.02
CA GLY F 35 -6.02 -3.64 16.30
C GLY F 35 -6.29 -2.14 16.30
N ALA F 36 -5.33 -1.37 16.82
CA ALA F 36 -5.45 0.07 16.92
C ALA F 36 -6.76 0.48 17.59
N GLY F 37 -7.23 -0.35 18.52
CA GLY F 37 -8.36 0.01 19.33
C GLY F 37 -9.68 -0.26 18.61
N ARG F 38 -9.59 -0.80 17.40
CA ARG F 38 -10.82 -1.13 16.64
C ARG F 38 -10.83 -2.56 16.09
N GLY F 39 -10.08 -3.46 16.70
CA GLY F 39 -9.88 -4.77 16.12
C GLY F 39 -9.58 -4.76 14.63
N ARG F 40 -8.92 -3.70 14.14
CA ARG F 40 -8.70 -3.53 12.69
C ARG F 40 -7.95 -4.69 12.06
N ILE F 41 -8.51 -5.18 10.97
CA ILE F 41 -7.85 -6.14 10.12
C ILE F 41 -7.67 -5.58 8.71
N SER F 42 -6.52 -5.83 8.09
CA SER F 42 -6.30 -5.48 6.70
C SER F 42 -5.98 -6.72 5.90
N CYS F 43 -6.75 -6.97 4.84
CA CYS F 43 -6.59 -8.16 3.99
C CYS F 43 -6.37 -7.78 2.54
N THR F 44 -5.55 -8.55 1.82
CA THR F 44 -5.33 -8.31 0.40
C THR F 44 -5.19 -9.60 -0.42
N ILE F 45 -5.65 -9.53 -1.66
CA ILE F 45 -5.35 -10.59 -2.64
C ILE F 45 -4.32 -10.11 -3.68
N ALA F 46 -3.72 -8.95 -3.41
CA ALA F 46 -2.80 -8.32 -4.34
C ALA F 46 -1.45 -9.03 -4.44
N ASN F 47 -1.17 -9.98 -3.56
CA ASN F 47 0.05 -10.77 -3.67
C ASN F 47 -0.18 -12.09 -4.42
N ARG F 48 -1.36 -12.25 -5.00
CA ARG F 48 -1.77 -13.57 -5.49
C ARG F 48 -2.39 -13.40 -6.84
N CYS F 49 -2.63 -14.53 -7.52
CA CYS F 49 -3.60 -14.61 -8.59
C CYS F 49 -4.72 -15.55 -8.22
N HIS F 50 -5.88 -15.42 -8.84
CA HIS F 50 -7.02 -16.29 -8.57
C HIS F 50 -7.74 -16.57 -9.87
N GLU F 51 -7.67 -17.82 -10.32
CA GLU F 51 -8.12 -18.24 -11.63
C GLU F 51 -8.51 -19.70 -11.56
N GLY F 52 -9.56 -20.09 -12.29
CA GLY F 52 -10.11 -21.45 -12.19
C GLY F 52 -10.50 -21.95 -10.80
N GLY F 53 -10.93 -21.06 -9.92
CA GLY F 53 -11.23 -21.45 -8.54
C GLY F 53 -10.06 -21.72 -7.59
N GLN F 54 -8.82 -21.48 -8.05
CA GLN F 54 -7.63 -21.84 -7.30
C GLN F 54 -6.98 -20.53 -6.86
N SER F 55 -6.11 -20.61 -5.85
CA SER F 55 -5.31 -19.47 -5.39
C SER F 55 -3.83 -19.69 -5.65
N TYR F 56 -3.18 -18.71 -6.27
CA TYR F 56 -1.81 -18.86 -6.70
C TYR F 56 -0.94 -17.76 -6.12
N LYS F 57 0.20 -18.15 -5.56
CA LYS F 57 1.26 -17.21 -5.26
C LYS F 57 2.02 -16.84 -6.51
N ILE F 58 2.66 -15.69 -6.46
CA ILE F 58 3.48 -15.25 -7.58
C ILE F 58 4.49 -16.31 -7.94
N GLY F 59 4.59 -16.62 -9.23
CA GLY F 59 5.63 -17.55 -9.69
C GLY F 59 5.04 -18.97 -9.66
N ASP F 60 3.88 -19.13 -9.03
CA ASP F 60 3.16 -20.42 -9.15
C ASP F 60 2.70 -20.65 -10.56
N THR F 61 2.77 -21.90 -10.99
CA THR F 61 2.44 -22.34 -12.33
CA THR F 61 2.36 -22.26 -12.35
C THR F 61 1.21 -23.26 -12.30
N TRP F 62 0.40 -23.22 -13.35
CA TRP F 62 -0.58 -24.28 -13.55
C TRP F 62 -0.77 -24.55 -15.04
N ARG F 63 -1.34 -25.71 -15.35
CA ARG F 63 -1.78 -26.05 -16.70
C ARG F 63 -3.29 -26.06 -16.81
N ARG F 64 -3.77 -25.51 -17.92
CA ARG F 64 -5.18 -25.52 -18.23
C ARG F 64 -5.39 -25.63 -19.74
N PRO F 65 -6.51 -26.22 -20.17
CA PRO F 65 -6.74 -26.18 -21.60
C PRO F 65 -7.03 -24.75 -22.06
N HIS F 66 -6.68 -24.44 -23.31
CA HIS F 66 -7.33 -23.31 -23.98
C HIS F 66 -8.85 -23.55 -24.00
N GLU F 67 -9.57 -22.50 -23.59
CA GLU F 67 -11.03 -22.32 -23.77
C GLU F 67 -11.63 -23.13 -24.97
N THR F 68 -11.03 -23.02 -26.15
CA THR F 68 -11.71 -23.31 -27.44
C THR F 68 -10.78 -23.82 -28.54
N GLY F 69 -9.52 -23.39 -28.52
CA GLY F 69 -8.38 -24.14 -29.04
C GLY F 69 -8.39 -25.62 -28.74
N GLY F 70 -7.72 -26.38 -29.60
CA GLY F 70 -7.40 -27.75 -29.27
C GLY F 70 -6.18 -28.13 -28.47
N TYR F 71 -5.84 -27.36 -27.41
CA TYR F 71 -4.43 -27.32 -26.91
C TYR F 71 -4.23 -26.75 -25.49
N MET F 72 -3.20 -27.26 -24.84
CA MET F 72 -2.97 -27.02 -23.44
C MET F 72 -2.13 -25.76 -23.31
N LEU F 73 -2.30 -25.08 -22.17
CA LEU F 73 -1.51 -23.93 -21.73
C LEU F 73 -0.79 -24.25 -20.42
N GLU F 74 0.46 -23.81 -20.29
CA GLU F 74 1.05 -23.60 -18.97
C GLU F 74 0.98 -22.11 -18.55
N CYS F 75 0.48 -21.88 -17.35
CA CYS F 75 0.17 -20.56 -16.89
C CYS F 75 1.04 -20.29 -15.71
N VAL F 76 1.34 -19.03 -15.49
CA VAL F 76 2.10 -18.63 -14.32
C VAL F 76 1.45 -17.36 -13.75
N CYS F 77 1.45 -17.28 -12.42
CA CYS F 77 1.01 -16.05 -11.75
C CYS F 77 2.12 -14.97 -11.70
N LEU F 78 1.85 -13.84 -12.30
CA LEU F 78 2.81 -12.77 -12.39
C LEU F 78 2.58 -11.79 -11.25
N GLY F 79 1.30 -11.45 -11.04
CA GLY F 79 0.86 -10.70 -9.84
C GLY F 79 0.86 -9.17 -10.10
N ASN F 80 1.93 -8.47 -9.76
CA ASN F 80 2.00 -7.06 -10.10
C ASN F 80 0.84 -6.33 -9.47
N GLY F 81 0.48 -6.80 -8.27
CA GLY F 81 -0.56 -6.21 -7.46
C GLY F 81 -1.97 -6.27 -8.04
N LYS F 82 -2.18 -7.07 -9.09
CA LYS F 82 -3.43 -7.02 -9.84
C LYS F 82 -3.83 -8.38 -10.36
N GLY F 83 -3.27 -9.47 -9.81
CA GLY F 83 -3.68 -10.85 -10.12
C GLY F 83 -3.29 -11.23 -11.55
N GLU F 84 -2.28 -10.55 -12.08
CA GLU F 84 -1.85 -10.71 -13.48
C GLU F 84 -1.21 -12.06 -13.73
N TRP F 85 -1.57 -12.67 -14.87
CA TRP F 85 -1.09 -13.98 -15.24
C TRP F 85 -0.79 -14.03 -16.74
N THR F 86 -0.02 -15.01 -17.16
CA THR F 86 0.22 -15.17 -18.59
C THR F 86 0.25 -16.63 -18.90
N CYS F 87 -0.32 -17.06 -20.02
CA CYS F 87 -0.36 -18.48 -20.40
C CYS F 87 0.28 -18.67 -21.77
N LYS F 88 1.08 -19.72 -21.92
CA LYS F 88 1.69 -20.06 -23.22
C LYS F 88 1.27 -21.46 -23.63
N PRO F 89 1.19 -21.72 -24.94
CA PRO F 89 0.81 -23.08 -25.29
C PRO F 89 1.91 -24.05 -24.90
N ILE F 90 1.51 -25.21 -24.40
CA ILE F 90 2.37 -26.37 -24.34
C ILE F 90 1.76 -27.51 -25.13
C ACE G 1 19.76 -13.92 -18.14
O ACE G 1 19.84 -14.97 -17.52
CH3 ACE G 1 18.53 -13.66 -18.92
N GLU G 2 20.37 -12.81 -17.70
CA GLU G 2 21.37 -12.92 -16.66
C GLU G 2 20.73 -13.19 -15.29
N THR G 3 21.52 -13.78 -14.40
CA THR G 3 21.11 -13.93 -13.03
C THR G 3 21.40 -12.66 -12.28
N LEU G 4 20.38 -12.07 -11.68
CA LEU G 4 20.60 -10.87 -10.90
C LEU G 4 21.20 -11.23 -9.56
N THR G 5 21.98 -10.33 -8.99
CA THR G 5 22.56 -10.64 -7.67
C THR G 5 22.72 -9.38 -6.84
N GLY G 6 22.73 -9.55 -5.52
CA GLY G 6 22.98 -8.43 -4.63
C GLY G 6 23.52 -8.98 -3.34
N GLN G 7 24.01 -8.08 -2.50
CA GLN G 7 24.50 -8.42 -1.18
C GLN G 7 24.63 -7.15 -0.38
N TYR G 8 24.97 -7.31 0.90
CA TYR G 8 25.13 -6.18 1.77
C TYR G 8 26.30 -5.36 1.27
N ASP G 9 26.27 -4.06 1.58
CA ASP G 9 27.47 -3.21 1.42
C ASP G 9 28.68 -3.90 2.07
N LYS G 10 29.84 -3.85 1.40
CA LYS G 10 31.12 -4.38 1.95
C LYS G 10 31.47 -3.92 3.36
N ASN G 11 31.02 -2.73 3.71
CA ASN G 11 31.47 -2.10 4.92
C ASN G 11 30.41 -2.20 6.01
N LEU G 12 29.26 -2.77 5.67
CA LEU G 12 28.24 -3.06 6.67
C LEU G 12 28.74 -4.13 7.65
N VAL G 13 28.80 -3.83 8.94
CA VAL G 13 29.15 -4.90 9.87
C VAL G 13 27.92 -5.79 10.10
N THR G 14 28.15 -7.09 10.07
CA THR G 14 27.01 -8.00 10.13
C THR G 14 26.75 -8.54 11.53
N THR G 15 27.75 -8.46 12.39
CA THR G 15 27.61 -9.02 13.75
C THR G 15 28.19 -8.06 14.75
N VAL G 16 27.36 -7.73 15.74
CA VAL G 16 27.75 -6.73 16.70
C VAL G 16 27.43 -7.25 18.09
N GLU G 17 28.19 -6.75 19.05
CA GLU G 17 27.97 -7.06 20.46
C GLU G 17 27.75 -5.76 21.19
N GLU G 18 26.86 -5.80 22.17
CA GLU G 18 26.66 -4.66 23.02
C GLU G 18 26.67 -5.10 24.46
N GLU G 19 27.32 -4.32 25.32
CA GLU G 19 27.27 -4.56 26.76
C GLU G 19 26.77 -3.35 27.55
N GLU H 2 -8.55 17.02 -25.02
CA GLU H 2 -7.57 17.63 -25.95
C GLU H 2 -6.12 17.57 -25.47
N THR H 3 -5.86 16.92 -24.34
CA THR H 3 -4.67 16.08 -24.29
C THR H 3 -5.00 14.85 -25.08
N LEU H 4 -4.22 14.59 -26.13
CA LEU H 4 -4.40 13.40 -26.93
C LEU H 4 -3.81 12.20 -26.22
N THR H 5 -4.36 11.03 -26.45
CA THR H 5 -3.81 9.84 -25.81
C THR H 5 -4.06 8.60 -26.70
N GLY H 6 -3.17 7.62 -26.61
CA GLY H 6 -3.30 6.40 -27.37
C GLY H 6 -2.63 5.33 -26.55
N GLN H 7 -2.83 4.09 -26.97
CA GLN H 7 -2.19 2.97 -26.33
C GLN H 7 -2.38 1.76 -27.23
N TYR H 8 -1.72 0.66 -26.86
CA TYR H 8 -1.90 -0.60 -27.53
C TYR H 8 -3.36 -1.11 -27.50
N ASP H 9 -3.75 -1.86 -28.53
CA ASP H 9 -5.00 -2.62 -28.42
C ASP H 9 -5.02 -3.42 -27.13
N LYS H 10 -6.16 -3.44 -26.42
CA LYS H 10 -6.27 -4.20 -25.16
C LYS H 10 -5.89 -5.65 -25.34
N ASN H 11 -6.05 -6.18 -26.53
CA ASN H 11 -5.78 -7.61 -26.74
C ASN H 11 -4.42 -7.86 -27.34
N LEU H 12 -3.62 -6.79 -27.50
CA LEU H 12 -2.23 -7.01 -27.91
C LEU H 12 -1.43 -7.59 -26.74
N VAL H 13 -0.85 -8.78 -26.91
CA VAL H 13 0.01 -9.36 -25.90
CA VAL H 13 0.00 -9.32 -25.85
C VAL H 13 1.42 -8.72 -25.94
N THR H 14 1.89 -8.14 -24.83
CA THR H 14 3.05 -7.28 -24.87
C THR H 14 4.30 -8.08 -24.64
N THR H 15 4.15 -9.30 -24.12
CA THR H 15 5.33 -10.06 -23.65
C THR H 15 5.17 -11.53 -23.98
N VAL H 16 6.14 -12.03 -24.74
CA VAL H 16 5.99 -13.34 -25.31
C VAL H 16 7.29 -14.12 -25.16
N GLU H 17 7.20 -15.42 -25.02
CA GLU H 17 8.40 -16.26 -25.01
C GLU H 17 8.36 -17.24 -26.18
N GLU H 18 9.51 -17.63 -26.67
CA GLU H 18 9.61 -18.64 -27.70
C GLU H 18 10.66 -19.64 -27.30
N GLU H 19 10.43 -20.92 -27.57
CA GLU H 19 11.42 -21.98 -27.36
C GLU H 19 11.58 -22.89 -28.57
N TYR H 20 12.14 -24.07 -28.33
CA TYR H 20 12.43 -25.06 -29.38
C TYR H 20 13.50 -26.04 -28.91
N GLU I 2 23.23 7.45 -21.77
CA GLU I 2 22.66 6.61 -20.66
C GLU I 2 21.37 7.23 -20.05
N THR I 3 20.29 6.44 -20.01
CA THR I 3 19.02 6.87 -19.43
C THR I 3 19.10 6.72 -17.90
N LEU I 4 18.71 7.77 -17.18
CA LEU I 4 18.81 7.81 -15.73
C LEU I 4 17.44 7.80 -15.11
N THR I 5 17.31 7.07 -14.00
CA THR I 5 16.06 6.96 -13.26
C THR I 5 16.23 7.19 -11.77
N GLY I 6 15.12 7.52 -11.13
CA GLY I 6 15.12 7.85 -9.71
C GLY I 6 13.68 7.77 -9.25
N GLN I 7 13.46 7.71 -7.93
CA GLN I 7 12.14 7.77 -7.37
C GLN I 7 12.19 8.42 -5.99
N TYR I 8 11.05 8.47 -5.30
CA TYR I 8 11.05 8.89 -3.92
C TYR I 8 12.00 8.01 -3.07
N ASP I 9 12.72 8.66 -2.18
CA ASP I 9 13.31 7.95 -1.04
C ASP I 9 12.35 6.93 -0.44
N LYS I 10 12.87 5.75 -0.09
CA LYS I 10 12.11 4.62 0.47
C LYS I 10 11.37 4.98 1.74
N ASN I 11 11.89 5.95 2.49
CA ASN I 11 11.34 6.33 3.81
C ASN I 11 10.40 7.53 3.78
N LEU I 12 10.22 8.09 2.60
CA LEU I 12 9.26 9.17 2.41
C LEU I 12 7.82 8.66 2.54
N VAL I 13 7.00 9.30 3.34
CA VAL I 13 5.56 9.03 3.28
C VAL I 13 4.96 9.52 1.97
N THR I 14 4.14 8.67 1.36
CA THR I 14 3.61 8.86 0.02
C THR I 14 2.09 9.09 0.02
N THR I 15 1.37 8.52 0.99
CA THR I 15 -0.03 8.79 1.17
C THR I 15 -0.30 8.90 2.65
N VAL I 16 -1.07 9.91 3.06
CA VAL I 16 -1.55 10.04 4.45
C VAL I 16 -3.07 10.06 4.46
N GLU I 17 -3.65 9.41 5.46
CA GLU I 17 -5.07 9.55 5.72
C GLU I 17 -5.19 10.19 7.06
N GLU I 18 -5.99 11.25 7.12
CA GLU I 18 -6.22 11.98 8.36
C GLU I 18 -7.65 11.87 8.86
N GLU I 19 -7.84 11.46 10.12
CA GLU I 19 -9.12 11.62 10.79
C GLU I 19 -9.12 12.86 11.65
N TYR I 20 -10.26 13.51 11.72
CA TYR I 20 -10.45 14.60 12.63
C TYR I 20 -11.62 14.27 13.51
N ASP I 21 -11.49 13.26 14.36
CA ASP I 21 -12.70 12.65 14.90
C ASP I 21 -13.40 13.57 15.90
N GLU J 2 -17.63 24.13 40.31
CA GLU J 2 -18.27 23.37 39.18
C GLU J 2 -17.25 22.51 38.39
N THR J 3 -17.77 21.45 37.76
CA THR J 3 -16.96 20.53 36.97
C THR J 3 -16.77 21.02 35.53
N LEU J 4 -15.53 21.41 35.22
CA LEU J 4 -15.08 21.79 33.88
C LEU J 4 -14.70 20.62 32.99
N THR J 5 -15.19 20.65 31.74
CA THR J 5 -14.87 19.67 30.72
C THR J 5 -14.23 20.30 29.47
N GLY J 6 -13.66 19.47 28.61
CA GLY J 6 -12.74 19.93 27.60
C GLY J 6 -12.36 18.80 26.69
N GLN J 7 -11.89 19.13 25.48
CA GLN J 7 -11.41 18.12 24.53
C GLN J 7 -10.51 18.75 23.45
N TYR J 8 -10.05 17.91 22.55
CA TYR J 8 -9.32 18.35 21.41
C TYR J 8 -10.11 19.37 20.59
N ASP J 9 -9.44 20.44 20.15
CA ASP J 9 -10.01 21.29 19.09
C ASP J 9 -10.55 20.44 17.96
N LYS J 10 -11.71 20.85 17.45
CA LYS J 10 -12.46 20.05 16.47
C LYS J 10 -11.66 19.81 15.18
N ASN J 11 -10.71 20.71 14.89
CA ASN J 11 -9.90 20.63 13.68
C ASN J 11 -8.55 19.98 13.89
N LEU J 12 -8.34 19.35 15.04
CA LEU J 12 -7.11 18.60 15.30
C LEU J 12 -7.17 17.27 14.62
N VAL J 13 -6.13 16.93 13.88
CA VAL J 13 -6.00 15.59 13.39
C VAL J 13 -5.74 14.68 14.58
N THR J 14 -6.47 13.58 14.66
CA THR J 14 -6.48 12.74 15.85
C THR J 14 -5.97 11.34 15.51
N THR J 15 -6.05 10.95 14.25
CA THR J 15 -5.40 9.74 13.75
C THR J 15 -4.87 9.88 12.34
N VAL J 16 -3.64 9.43 12.11
CA VAL J 16 -3.08 9.34 10.74
C VAL J 16 -2.71 7.90 10.33
N GLU J 17 -2.87 7.63 9.04
CA GLU J 17 -2.37 6.42 8.44
C GLU J 17 -1.35 6.85 7.45
N GLU J 18 -0.17 6.26 7.52
CA GLU J 18 0.89 6.60 6.60
C GLU J 18 1.26 5.40 5.76
N GLU J 19 1.32 5.63 4.45
CA GLU J 19 1.95 4.69 3.52
C GLU J 19 3.34 5.12 3.12
N TYR J 20 4.20 4.14 2.86
CA TYR J 20 5.56 4.43 2.51
C TYR J 20 5.93 3.67 1.25
N ASP J 21 5.30 3.98 0.14
CA ASP J 21 5.09 2.97 -0.90
C ASP J 21 6.26 2.94 -1.89
N SER J 22 7.26 3.77 -1.63
CA SER J 22 8.50 3.67 -2.40
C SER J 22 9.54 2.74 -1.73
N NH2 J 23 9.29 2.31 -0.49
N GLU K 2 -37.20 -5.51 32.62
CA GLU K 2 -38.21 -4.62 31.95
C GLU K 2 -37.59 -3.78 30.83
N THR K 3 -36.60 -2.93 31.15
CA THR K 3 -35.82 -2.27 30.10
C THR K 3 -34.71 -3.22 29.61
N LEU K 4 -34.57 -3.45 28.30
CA LEU K 4 -33.36 -4.11 27.75
C LEU K 4 -32.52 -3.23 26.84
N THR K 5 -31.24 -3.55 26.77
CA THR K 5 -30.33 -2.81 25.92
C THR K 5 -29.36 -3.78 25.31
N GLY K 6 -29.01 -3.54 24.06
CA GLY K 6 -27.91 -4.27 23.48
C GLY K 6 -27.44 -3.48 22.28
N GLN K 7 -26.58 -4.10 21.50
CA GLN K 7 -25.87 -3.40 20.48
C GLN K 7 -25.38 -4.43 19.48
N TYR K 8 -24.59 -3.99 18.53
CA TYR K 8 -23.93 -4.89 17.60
C TYR K 8 -23.10 -5.89 18.38
N ASP K 9 -23.18 -7.16 18.01
CA ASP K 9 -22.04 -8.12 18.16
C ASP K 9 -20.64 -7.45 18.16
N LYS K 10 -19.88 -7.67 19.23
CA LYS K 10 -18.44 -7.27 19.31
C LYS K 10 -17.62 -7.63 18.04
N ASN K 11 -18.01 -8.70 17.33
CA ASN K 11 -17.15 -9.28 16.30
C ASN K 11 -17.70 -8.94 14.94
N LEU K 12 -18.59 -7.96 14.92
CA LEU K 12 -19.21 -7.52 13.67
C LEU K 12 -18.43 -6.38 13.06
N VAL K 13 -18.04 -6.51 11.80
CA VAL K 13 -17.48 -5.40 11.01
C VAL K 13 -18.50 -4.26 10.88
N THR K 14 -18.08 -3.08 11.31
CA THR K 14 -18.93 -1.89 11.38
C THR K 14 -18.54 -0.82 10.36
N THR K 15 -17.31 -0.89 9.86
CA THR K 15 -16.82 0.05 8.86
C THR K 15 -15.87 -0.76 8.00
N VAL K 16 -16.05 -0.71 6.69
CA VAL K 16 -15.06 -1.30 5.82
C VAL K 16 -14.51 -0.30 4.81
N GLU K 17 -13.32 -0.61 4.30
CA GLU K 17 -12.70 0.22 3.29
C GLU K 17 -12.19 -0.69 2.19
N GLU K 18 -12.59 -0.44 0.95
CA GLU K 18 -12.21 -1.31 -0.13
C GLU K 18 -11.34 -0.63 -1.16
N GLU K 19 -10.26 -1.28 -1.56
CA GLU K 19 -9.54 -0.85 -2.77
C GLU K 19 -9.80 -1.78 -3.96
N TYR K 20 -9.99 -1.19 -5.14
CA TYR K 20 -10.14 -1.93 -6.39
C TYR K 20 -8.91 -1.78 -7.26
N ASP K 21 -7.95 -2.68 -7.11
CA ASP K 21 -6.84 -2.81 -8.06
C ASP K 21 -7.00 -4.05 -8.97
N GLU L 2 -2.19 -16.86 -29.21
CA GLU L 2 -1.34 -18.00 -28.73
C GLU L 2 -0.90 -17.83 -27.27
N THR L 3 -0.12 -16.78 -26.99
CA THR L 3 0.07 -16.36 -25.59
C THR L 3 -1.18 -15.57 -25.12
N LEU L 4 -1.68 -15.93 -23.94
CA LEU L 4 -2.78 -15.26 -23.29
C LEU L 4 -2.27 -14.48 -22.08
N THR L 5 -2.78 -13.26 -21.81
CA THR L 5 -2.53 -12.58 -20.55
C THR L 5 -3.84 -12.09 -19.95
N GLY L 6 -3.85 -11.93 -18.64
CA GLY L 6 -5.04 -11.43 -17.96
C GLY L 6 -4.71 -11.05 -16.54
N GLN L 7 -5.73 -10.61 -15.81
CA GLN L 7 -5.54 -10.16 -14.47
C GLN L 7 -6.90 -10.12 -13.75
N TYR L 8 -6.91 -9.60 -12.53
CA TYR L 8 -8.16 -9.41 -11.79
C TYR L 8 -9.13 -8.55 -12.56
N ASP L 9 -10.42 -8.92 -12.53
CA ASP L 9 -11.46 -8.00 -12.98
C ASP L 9 -11.25 -6.63 -12.36
N LYS L 10 -11.51 -5.60 -13.17
CA LYS L 10 -11.29 -4.23 -12.75
C LYS L 10 -12.13 -3.88 -11.50
N ASN L 11 -13.28 -4.54 -11.34
CA ASN L 11 -14.21 -4.14 -10.29
C ASN L 11 -14.08 -5.06 -9.08
N LEU L 12 -13.02 -5.86 -9.07
CA LEU L 12 -12.76 -6.79 -7.99
C LEU L 12 -12.04 -6.07 -6.84
N VAL L 13 -12.56 -6.20 -5.62
CA VAL L 13 -11.85 -5.69 -4.44
C VAL L 13 -10.55 -6.44 -4.21
N THR L 14 -9.46 -5.72 -4.06
CA THR L 14 -8.15 -6.35 -3.96
C THR L 14 -7.56 -6.19 -2.55
N THR L 15 -8.00 -5.15 -1.84
CA THR L 15 -7.54 -4.85 -0.49
C THR L 15 -8.77 -4.39 0.28
N VAL L 16 -8.85 -4.74 1.54
CA VAL L 16 -9.98 -4.42 2.38
C VAL L 16 -9.44 -4.13 3.78
N GLU L 17 -10.01 -3.12 4.43
CA GLU L 17 -9.65 -2.76 5.76
C GLU L 17 -10.93 -2.83 6.58
N GLU L 18 -10.97 -3.64 7.63
CA GLU L 18 -12.20 -3.76 8.41
C GLU L 18 -12.01 -3.11 9.79
N GLU L 19 -13.01 -2.38 10.29
CA GLU L 19 -13.03 -2.08 11.74
C GLU L 19 -14.16 -2.79 12.49
N TYR L 20 -13.90 -3.18 13.73
CA TYR L 20 -14.86 -3.94 14.53
C TYR L 20 -15.32 -3.13 15.73
C1 SIN M . 14.88 -6.70 -11.54
O1 SIN M . 15.32 -6.46 -10.41
O2 SIN M . 13.74 -7.16 -11.71
C2 SIN M . 15.78 -6.47 -12.73
C3 SIN M . 16.33 -5.05 -12.68
C4 SIN M . 16.51 -4.60 -14.12
O3 SIN M . 17.56 -4.93 -14.75
O4 SIN M . 15.60 -3.91 -14.65
C1 SIN N . -6.86 15.45 -34.17
O1 SIN N . -7.03 16.09 -35.24
O2 SIN N . -7.69 15.45 -33.22
C2 SIN N . -5.57 14.66 -33.97
C3 SIN N . -4.52 15.72 -33.64
C4 SIN N . -3.13 15.18 -33.81
O3 SIN N . -2.97 13.96 -33.70
O4 SIN N . -2.20 15.99 -34.03
C1 SIN O . 22.15 13.49 -12.10
O1 SIN O . 22.16 14.74 -12.25
O2 SIN O . 21.16 12.86 -11.64
C2 SIN O . 23.40 12.74 -12.50
C3 SIN O . 23.90 11.82 -11.38
C4 SIN O . 24.09 10.42 -11.91
O3 SIN O . 23.73 9.47 -11.19
O4 SIN O . 24.59 10.23 -13.04
#